data_5OFA
#
_entry.id   5OFA
#
_cell.length_a   69.610
_cell.length_b   125.730
_cell.length_c   81.530
_cell.angle_alpha   90.00
_cell.angle_beta   97.91
_cell.angle_gamma   90.00
#
_symmetry.space_group_name_H-M   'P 1 21 1'
#
loop_
_entity.id
_entity.type
_entity.pdbx_description
1 polymer 'MORC family CW-type zinc finger protein 2'
2 non-polymer 'ZINC ION'
3 non-polymer 'PHOSPHOAMINOPHOSPHONIC ACID-ADENYLATE ESTER'
4 non-polymer 'MAGNESIUM ION'
5 water water
#
_entity_poly.entity_id   1
_entity_poly.type   'polypeptide(L)'
_entity_poly.pdbx_seq_one_letter_code
;GPRMAFTNYSSLNRAQLTFEYLHTNSTTHEFLFGALAELVDNARDADATRIDIYAERREDLRGGFMLCFLDDGAGMDPSD
AASVIQFGKSAKRTPESTQIGQYGNGLKSGSMRIGKDFILFTKKEDTMTCLFLSRTFHEEEGIDEVIVPLPTWNARTREP
VTDNVEKFAIETELIYKYSPFRTEEEVMTQFMKIPGDSGTLVIIFNLKLMDNGEPELDIISNPRDIQMAETSPEGTKPER
RSFRAYAAVLYIDPRMRIFIHGHKVQTKRLSCCLYKPRMYKYTSSRFKTRAEQEVKKAEHVARIAEEKAREAESKARTLE
VRLGGDLTRDSRVMLRQVQNRAITLRREADVKKRIKEAKQRALKEPKELNFVFGVNIEHRDLDGMFIYNCSRLIKMYEKV
GPQLEGGMACGGVVGVVDVPYLVLEPRHNKQDFADAKEYRHLLRAMGEHLAQYWKDIAIAQRGIIKFWDEFGYLSANWNQ
PPSSELRYKRRRAMEIPTTIQCDLCLKWRTLPFQLSSVEKDYPDTWVCSMNPDPEQDRCEASEQKQKVPLGTFRKDMKTQ
EEKQKQLTEKIRQQQEKLEALQKTTPIRSQADLKKLPLEVTTRPST
;
_entity_poly.pdbx_strand_id   B,A
#
loop_
_chem_comp.id
_chem_comp.type
_chem_comp.name
_chem_comp.formula
ANP non-polymer 'PHOSPHOAMINOPHOSPHONIC ACID-ADENYLATE ESTER' 'C10 H17 N6 O12 P3'
MG non-polymer 'MAGNESIUM ION' 'Mg 2'
ZN non-polymer 'ZINC ION' 'Zn 2'
#
# COMPACT_ATOMS: atom_id res chain seq x y z
N ASN A 8 -3.84 17.45 -31.10
CA ASN A 8 -2.79 17.99 -30.20
C ASN A 8 -3.38 18.35 -28.81
N TYR A 9 -2.91 17.59 -27.80
CA TYR A 9 -3.36 17.73 -26.42
C TYR A 9 -2.43 18.56 -25.53
N SER A 10 -1.48 19.27 -26.13
CA SER A 10 -0.45 19.95 -25.34
C SER A 10 -1.00 20.98 -24.40
N SER A 11 -2.14 21.59 -24.69
CA SER A 11 -2.68 22.61 -23.77
C SER A 11 -3.35 22.02 -22.51
N LEU A 12 -3.68 20.75 -22.53
CA LEU A 12 -4.48 20.19 -21.45
C LEU A 12 -3.68 19.96 -20.15
N ASN A 13 -4.45 19.89 -19.06
CA ASN A 13 -3.89 19.61 -17.74
C ASN A 13 -3.35 18.21 -17.66
N ARG A 14 -2.19 18.08 -17.04
CA ARG A 14 -1.63 16.78 -16.67
C ARG A 14 -1.82 16.51 -15.18
N ALA A 15 -1.98 15.24 -14.81
CA ALA A 15 -1.80 14.81 -13.41
C ALA A 15 -0.35 15.00 -13.03
N GLN A 16 -0.11 15.51 -11.82
CA GLN A 16 1.24 15.76 -11.33
C GLN A 16 1.49 15.25 -9.93
N LEU A 17 2.78 15.03 -9.66
CA LEU A 17 3.28 14.55 -8.39
C LEU A 17 3.68 15.74 -7.57
N THR A 18 3.29 15.80 -6.31
CA THR A 18 3.83 16.80 -5.42
C THR A 18 4.77 16.15 -4.35
N PHE A 19 5.48 17.01 -3.62
CA PHE A 19 6.51 16.60 -2.71
C PHE A 19 5.99 15.62 -1.65
N GLU A 20 4.84 15.94 -1.08
CA GLU A 20 4.26 15.12 -0.03
C GLU A 20 3.88 13.72 -0.49
N TYR A 21 3.77 13.51 -1.81
CA TYR A 21 3.39 12.20 -2.29
C TYR A 21 4.49 11.21 -2.05
N LEU A 22 5.73 11.66 -1.97
CA LEU A 22 6.82 10.76 -1.70
C LEU A 22 6.60 10.09 -0.37
N HIS A 23 6.12 10.85 0.64
CA HIS A 23 5.73 10.26 1.92
C HIS A 23 4.50 9.36 1.81
N THR A 24 3.44 9.87 1.21
CA THR A 24 2.26 9.02 0.97
C THR A 24 2.60 7.65 0.40
N ASN A 25 3.39 7.65 -0.66
CA ASN A 25 3.81 6.42 -1.34
C ASN A 25 4.54 5.47 -0.39
N SER A 26 5.42 6.04 0.45
CA SER A 26 6.22 5.26 1.41
C SER A 26 5.41 4.58 2.52
N THR A 27 4.21 5.07 2.79
CA THR A 27 3.38 4.44 3.84
C THR A 27 2.82 3.09 3.46
N THR A 28 3.03 2.66 2.23
CA THR A 28 2.67 1.31 1.88
C THR A 28 3.52 0.25 2.68
N HIS A 29 4.72 0.62 3.16
CA HIS A 29 5.63 -0.35 3.79
C HIS A 29 5.57 -0.28 5.32
N GLU A 30 4.70 -1.02 5.93
CA GLU A 30 4.76 -1.17 7.39
C GLU A 30 5.96 -2.01 7.75
N PHE A 31 6.20 -3.10 7.02
CA PHE A 31 7.36 -3.99 7.22
C PHE A 31 8.59 -3.38 6.54
N LEU A 32 9.49 -2.90 7.34
CA LEU A 32 10.61 -2.16 6.85
C LEU A 32 11.51 -2.96 5.94
N PHE A 33 11.72 -4.23 6.24
CA PHE A 33 12.51 -5.09 5.38
C PHE A 33 11.92 -5.25 3.97
N GLY A 34 10.59 -5.10 3.84
CA GLY A 34 9.93 -5.06 2.54
C GLY A 34 10.33 -3.86 1.70
N ALA A 35 10.67 -2.75 2.36
CA ALA A 35 11.19 -1.61 1.62
C ALA A 35 12.60 -1.90 1.10
N LEU A 36 13.48 -2.50 1.92
CA LEU A 36 14.82 -2.90 1.48
C LEU A 36 14.72 -3.96 0.38
N ALA A 37 13.75 -4.85 0.47
CA ALA A 37 13.59 -5.85 -0.56
C ALA A 37 13.37 -5.27 -1.97
N GLU A 38 12.68 -4.15 -2.07
CA GLU A 38 12.47 -3.51 -3.36
C GLU A 38 13.81 -3.25 -4.03
N LEU A 39 14.82 -2.84 -3.26
CA LEU A 39 16.12 -2.49 -3.91
C LEU A 39 16.91 -3.74 -4.29
N VAL A 40 16.75 -4.79 -3.49
CA VAL A 40 17.36 -6.07 -3.77
C VAL A 40 16.71 -6.67 -5.04
N ASP A 41 15.38 -6.56 -5.17
CA ASP A 41 14.63 -7.03 -6.34
C ASP A 41 15.16 -6.35 -7.60
N ASN A 42 15.45 -5.05 -7.52
CA ASN A 42 15.88 -4.36 -8.68
C ASN A 42 17.27 -4.87 -9.14
N ALA A 43 18.15 -5.18 -8.20
CA ALA A 43 19.45 -5.74 -8.54
C ALA A 43 19.30 -7.12 -9.19
N ARG A 44 18.43 -7.97 -8.66
CA ARG A 44 18.22 -9.26 -9.25
C ARG A 44 17.71 -9.10 -10.69
N ASP A 45 16.69 -8.28 -10.86
CA ASP A 45 16.10 -7.98 -12.16
C ASP A 45 17.16 -7.42 -13.18
N ALA A 46 18.17 -6.69 -12.72
CA ALA A 46 19.20 -6.18 -13.59
C ALA A 46 20.32 -7.21 -13.84
N ASP A 47 20.06 -8.47 -13.48
CA ASP A 47 21.03 -9.57 -13.70
C ASP A 47 22.32 -9.49 -12.92
N ALA A 48 22.30 -8.86 -11.77
CA ALA A 48 23.48 -8.82 -10.91
C ALA A 48 23.88 -10.21 -10.52
N THR A 49 25.19 -10.41 -10.39
CA THR A 49 25.73 -11.64 -9.82
C THR A 49 25.96 -11.49 -8.33
N ARG A 50 26.09 -10.25 -7.86
CA ARG A 50 26.22 -9.97 -6.44
C ARG A 50 25.63 -8.61 -6.08
N ILE A 51 25.06 -8.54 -4.90
CA ILE A 51 24.68 -7.24 -4.33
C ILE A 51 25.33 -7.16 -2.94
N ASP A 52 25.93 -6.01 -2.68
CA ASP A 52 26.48 -5.68 -1.38
C ASP A 52 25.56 -4.67 -0.73
N ILE A 53 25.05 -5.02 0.45
CA ILE A 53 24.26 -4.12 1.27
C ILE A 53 25.10 -3.83 2.49
N TYR A 54 25.48 -2.58 2.67
CA TYR A 54 26.46 -2.23 3.72
C TYR A 54 26.18 -0.85 4.23
N ALA A 55 26.73 -0.54 5.39
CA ALA A 55 26.55 0.75 6.03
C ALA A 55 27.82 1.53 5.86
N GLU A 56 27.68 2.83 5.68
CA GLU A 56 28.82 3.72 5.69
C GLU A 56 28.59 4.76 6.77
N ARG A 57 29.43 4.72 7.79
CA ARG A 57 29.26 5.58 8.98
C ARG A 57 29.41 7.02 8.60
N ARG A 58 28.48 7.84 9.06
CA ARG A 58 28.46 9.28 8.79
C ARG A 58 27.76 9.94 9.94
N GLU A 59 28.54 10.39 10.92
CA GLU A 59 27.93 10.93 12.14
C GLU A 59 27.16 12.21 11.90
N ASP A 60 27.46 12.90 10.80
CA ASP A 60 26.80 14.15 10.44
C ASP A 60 25.43 13.95 9.78
N LEU A 61 25.07 12.71 9.46
CA LEU A 61 23.79 12.44 8.83
C LEU A 61 22.85 11.74 9.80
N ARG A 62 21.54 11.93 9.61
CA ARG A 62 20.57 11.45 10.57
C ARG A 62 20.64 9.93 10.61
N GLY A 63 20.67 9.39 11.83
CA GLY A 63 20.80 7.95 12.11
C GLY A 63 22.26 7.47 12.20
N GLY A 64 23.23 8.29 11.76
CA GLY A 64 24.65 7.96 11.94
C GLY A 64 25.33 7.11 10.89
N PHE A 65 24.56 6.62 9.92
CA PHE A 65 25.12 5.92 8.76
C PHE A 65 24.21 5.99 7.52
N MET A 66 24.82 5.75 6.37
CA MET A 66 24.11 5.62 5.09
C MET A 66 24.00 4.14 4.72
N LEU A 67 22.84 3.75 4.17
CA LEU A 67 22.62 2.38 3.77
C LEU A 67 22.81 2.26 2.23
N CYS A 68 23.80 1.45 1.82
CA CYS A 68 24.29 1.38 0.46
C CYS A 68 23.98 0.03 -0.16
N PHE A 69 23.48 0.06 -1.41
CA PHE A 69 23.13 -1.13 -2.18
C PHE A 69 23.93 -1.10 -3.47
N LEU A 70 24.96 -1.95 -3.55
CA LEU A 70 25.92 -1.94 -4.65
C LEU A 70 25.82 -3.24 -5.38
N ASP A 71 25.44 -3.19 -6.67
CA ASP A 71 25.28 -4.38 -7.49
C ASP A 71 26.12 -4.28 -8.75
N ASP A 72 26.38 -5.42 -9.36
CA ASP A 72 27.17 -5.47 -10.58
C ASP A 72 26.28 -5.87 -11.75
N GLY A 73 25.00 -5.51 -11.69
CA GLY A 73 24.07 -5.76 -12.77
C GLY A 73 24.26 -4.85 -13.98
N ALA A 74 23.22 -4.80 -14.82
CA ALA A 74 23.33 -4.16 -16.12
C ALA A 74 23.50 -2.64 -16.12
N GLY A 75 23.20 -2.00 -14.99
CA GLY A 75 23.26 -0.56 -14.91
C GLY A 75 22.21 0.14 -15.77
N MET A 76 22.36 1.44 -15.89
CA MET A 76 21.39 2.28 -16.57
C MET A 76 22.12 3.34 -17.38
N ASP A 77 21.69 3.52 -18.62
CA ASP A 77 22.17 4.63 -19.43
C ASP A 77 21.32 5.84 -19.05
N PRO A 78 21.58 7.02 -19.64
CA PRO A 78 20.88 8.21 -19.15
C PRO A 78 19.37 8.19 -19.33
N SER A 79 18.88 7.56 -20.38
CA SER A 79 17.44 7.55 -20.55
C SER A 79 16.79 6.54 -19.57
N ASP A 80 17.42 5.39 -19.33
CA ASP A 80 16.95 4.47 -18.30
C ASP A 80 16.91 5.14 -16.93
N ALA A 81 17.94 5.94 -16.61
CA ALA A 81 17.95 6.67 -15.35
C ALA A 81 16.84 7.68 -15.24
N ALA A 82 16.59 8.41 -16.33
CA ALA A 82 15.52 9.40 -16.31
C ALA A 82 14.17 8.73 -16.10
N SER A 83 14.00 7.50 -16.64
CA SER A 83 12.72 6.83 -16.52
C SER A 83 12.46 6.36 -15.09
N VAL A 84 13.49 6.25 -14.23
CA VAL A 84 13.29 5.94 -12.82
C VAL A 84 12.23 6.87 -12.19
N ILE A 85 12.28 8.14 -12.58
CA ILE A 85 11.32 9.08 -12.00
C ILE A 85 10.02 9.30 -12.81
N GLN A 86 9.78 8.43 -13.78
CA GLN A 86 8.49 8.32 -14.43
C GLN A 86 7.76 7.25 -13.64
N PHE A 87 6.97 7.70 -12.69
CA PHE A 87 6.29 6.76 -11.80
C PHE A 87 5.31 5.88 -12.60
N GLY A 88 5.46 4.59 -12.49
CA GLY A 88 4.59 3.65 -13.21
C GLY A 88 5.29 3.06 -14.41
N LYS A 89 6.41 3.63 -14.82
CA LYS A 89 7.12 3.19 -15.98
C LYS A 89 8.00 2.02 -15.60
N SER A 90 7.83 0.91 -16.31
CA SER A 90 8.61 -0.29 -16.10
C SER A 90 8.72 -1.00 -17.45
N ALA A 91 9.93 -1.05 -18.01
CA ALA A 91 10.23 -1.90 -19.21
C ALA A 91 10.13 -3.39 -18.92
N LYS A 92 10.06 -3.74 -17.63
CA LYS A 92 9.86 -5.13 -17.18
C LYS A 92 8.44 -5.64 -17.36
N ARG A 93 7.48 -4.73 -17.45
CA ARG A 93 6.06 -5.09 -17.49
C ARG A 93 5.72 -5.57 -18.93
N THR A 94 6.07 -6.82 -19.20
CA THR A 94 5.90 -7.46 -20.51
C THR A 94 5.09 -8.75 -20.25
N PRO A 95 4.20 -9.16 -21.20
CA PRO A 95 3.58 -10.49 -21.04
C PRO A 95 4.63 -11.61 -21.04
N GLU A 96 4.39 -12.62 -20.18
CA GLU A 96 5.40 -13.62 -19.78
C GLU A 96 6.61 -13.00 -19.02
N SER A 97 6.39 -12.04 -18.09
CA SER A 97 7.52 -11.54 -17.28
C SER A 97 7.90 -12.49 -16.15
N THR A 98 9.19 -12.82 -16.12
CA THR A 98 9.81 -13.43 -14.97
C THR A 98 10.71 -12.44 -14.21
N GLN A 99 10.71 -11.16 -14.60
CA GLN A 99 11.18 -10.13 -13.71
C GLN A 99 10.14 -9.87 -12.60
N ILE A 100 10.69 -9.53 -11.47
CA ILE A 100 9.86 -9.26 -10.32
C ILE A 100 9.17 -7.89 -10.49
N GLY A 101 9.90 -6.90 -10.96
CA GLY A 101 9.34 -5.57 -11.13
C GLY A 101 8.26 -5.51 -12.17
N GLN A 102 7.17 -4.81 -11.86
CA GLN A 102 6.13 -4.60 -12.80
C GLN A 102 5.35 -3.32 -12.56
N TYR A 103 5.44 -2.68 -11.38
CA TYR A 103 4.59 -1.54 -11.06
C TYR A 103 5.25 -0.15 -11.23
N GLY A 104 6.55 -0.07 -11.45
CA GLY A 104 7.18 1.24 -11.72
C GLY A 104 7.25 2.17 -10.50
N ASN A 105 7.31 1.57 -9.34
CA ASN A 105 7.24 2.29 -8.06
C ASN A 105 8.23 1.88 -6.95
N GLY A 106 8.72 0.63 -6.95
CA GLY A 106 9.39 0.05 -5.79
C GLY A 106 10.56 0.83 -5.21
N LEU A 107 11.44 1.31 -6.05
CA LEU A 107 12.61 2.06 -5.57
C LEU A 107 12.13 3.31 -4.82
N LYS A 108 11.10 3.96 -5.35
CA LYS A 108 10.62 5.21 -4.73
C LYS A 108 9.81 4.95 -3.44
N SER A 109 8.94 3.95 -3.43
CA SER A 109 8.22 3.65 -2.20
C SER A 109 9.16 3.12 -1.11
N GLY A 110 10.08 2.23 -1.49
CA GLY A 110 11.00 1.63 -0.54
C GLY A 110 12.01 2.62 0.00
N SER A 111 12.67 3.37 -0.88
CA SER A 111 13.71 4.28 -0.40
C SER A 111 13.11 5.33 0.56
N MET A 112 11.91 5.81 0.27
CA MET A 112 11.36 6.89 1.07
C MET A 112 10.74 6.39 2.41
N ARG A 113 10.55 5.09 2.53
CA ARG A 113 10.22 4.50 3.80
C ARG A 113 11.44 4.44 4.70
N ILE A 114 12.58 4.11 4.13
CA ILE A 114 13.84 3.91 4.86
C ILE A 114 14.49 5.19 5.34
N GLY A 115 14.54 6.20 4.46
CA GLY A 115 15.26 7.43 4.72
C GLY A 115 14.60 8.64 4.08
N LYS A 116 15.12 9.79 4.42
CA LYS A 116 14.58 11.03 3.92
C LYS A 116 15.01 11.24 2.47
N ASP A 117 16.26 10.87 2.16
CA ASP A 117 16.95 11.17 0.91
C ASP A 117 17.62 9.94 0.31
N PHE A 118 17.78 9.90 -1.02
CA PHE A 118 18.72 8.95 -1.61
C PHE A 118 19.47 9.55 -2.76
N ILE A 119 20.64 8.99 -3.02
CA ILE A 119 21.44 9.35 -4.17
C ILE A 119 21.89 8.03 -4.81
N LEU A 120 21.76 7.96 -6.13
CA LEU A 120 22.02 6.75 -6.88
C LEU A 120 23.11 7.05 -7.93
N PHE A 121 24.07 6.15 -8.05
CA PHE A 121 25.10 6.22 -9.09
C PHE A 121 24.99 4.98 -9.97
N THR A 122 25.05 5.14 -11.28
CA THR A 122 24.93 4.01 -12.16
C THR A 122 25.79 4.18 -13.42
N LYS A 123 26.27 3.05 -13.96
CA LYS A 123 27.27 3.04 -15.05
C LYS A 123 26.82 2.02 -16.07
N LYS A 124 26.92 2.39 -17.33
CA LYS A 124 26.58 1.47 -18.41
C LYS A 124 27.28 1.94 -19.66
N GLU A 125 28.00 1.04 -20.31
CA GLU A 125 28.74 1.34 -21.55
C GLU A 125 29.65 2.53 -21.30
N ASP A 126 29.45 3.64 -22.00
CA ASP A 126 30.38 4.74 -21.86
C ASP A 126 29.87 5.93 -21.02
N THR A 127 28.77 5.75 -20.31
CA THR A 127 28.22 6.83 -19.47
C THR A 127 28.03 6.42 -18.01
N MET A 128 28.06 7.43 -17.16
CA MET A 128 27.76 7.26 -15.74
C MET A 128 26.83 8.40 -15.34
N THR A 129 25.74 8.05 -14.63
CA THR A 129 24.70 9.00 -14.27
C THR A 129 24.44 8.99 -12.74
N CYS A 130 24.20 10.18 -12.19
CA CYS A 130 23.80 10.32 -10.81
C CYS A 130 22.33 10.76 -10.78
N LEU A 131 21.51 10.09 -9.97
CA LEU A 131 20.12 10.53 -9.72
C LEU A 131 20.01 10.88 -8.25
N PHE A 132 19.55 12.10 -7.96
CA PHE A 132 19.56 12.62 -6.58
C PHE A 132 18.15 13.00 -6.15
N LEU A 133 17.59 12.27 -5.18
CA LEU A 133 16.24 12.57 -4.66
C LEU A 133 16.37 13.10 -3.25
N SER A 134 16.28 14.42 -3.11
CA SER A 134 16.60 15.06 -1.83
C SER A 134 15.34 15.72 -1.27
N ARG A 135 14.69 15.06 -0.30
CA ARG A 135 13.61 15.73 0.42
C ARG A 135 14.15 16.85 1.31
N THR A 136 15.39 16.74 1.76
CA THR A 136 16.03 17.83 2.50
C THR A 136 16.06 19.13 1.65
N PHE A 137 16.51 19.04 0.40
CA PHE A 137 16.49 20.18 -0.51
C PHE A 137 15.09 20.74 -0.66
N HIS A 138 14.11 19.87 -0.85
CA HIS A 138 12.74 20.33 -1.05
C HIS A 138 12.21 21.09 0.16
N GLU A 139 12.47 20.57 1.36
CA GLU A 139 12.02 21.23 2.58
C GLU A 139 12.73 22.53 2.82
N GLU A 140 14.05 22.53 2.64
CA GLU A 140 14.83 23.74 2.90
C GLU A 140 14.43 24.92 1.98
N GLU A 141 14.13 24.62 0.72
CA GLU A 141 13.85 25.64 -0.28
C GLU A 141 12.36 25.78 -0.59
N GLY A 142 11.51 25.05 0.13
CA GLY A 142 10.07 25.17 -0.05
C GLY A 142 9.59 24.75 -1.42
N ILE A 143 10.11 23.65 -1.95
CA ILE A 143 9.72 23.14 -3.28
C ILE A 143 8.57 22.16 -3.08
N ASP A 144 7.46 22.40 -3.76
CA ASP A 144 6.34 21.48 -3.71
C ASP A 144 6.21 20.56 -4.89
N GLU A 145 6.91 20.84 -5.99
CA GLU A 145 7.08 19.86 -7.06
C GLU A 145 8.11 18.80 -6.59
N VAL A 146 8.39 17.80 -7.41
CA VAL A 146 9.49 16.88 -7.15
C VAL A 146 10.56 17.11 -8.23
N ILE A 147 11.63 17.81 -7.85
CA ILE A 147 12.73 18.17 -8.74
C ILE A 147 13.92 17.24 -8.49
N VAL A 148 14.45 16.63 -9.57
CA VAL A 148 15.48 15.61 -9.49
C VAL A 148 16.71 15.91 -10.39
N PRO A 149 17.86 16.33 -9.81
CA PRO A 149 19.12 16.37 -10.54
C PRO A 149 19.51 15.04 -11.13
N LEU A 150 19.88 15.06 -12.42
CA LEU A 150 20.24 13.85 -13.19
C LEU A 150 21.45 14.08 -14.08
N PRO A 151 22.59 14.47 -13.50
CA PRO A 151 23.78 14.70 -14.36
C PRO A 151 24.40 13.40 -14.86
N THR A 152 24.96 13.46 -16.06
CA THR A 152 25.67 12.35 -16.66
C THR A 152 27.08 12.81 -17.04
N TRP A 153 28.03 11.91 -16.86
CA TRP A 153 29.41 12.12 -17.26
C TRP A 153 29.83 11.00 -18.21
N ASN A 154 30.86 11.27 -19.00
CA ASN A 154 31.50 10.23 -19.78
C ASN A 154 32.30 9.32 -18.85
N ALA A 155 32.09 8.01 -18.95
CA ALA A 155 32.71 7.08 -18.00
C ALA A 155 34.23 7.00 -18.11
N ARG A 156 34.81 7.30 -19.28
CA ARG A 156 36.27 7.24 -19.47
C ARG A 156 36.97 8.58 -19.27
N THR A 157 36.41 9.64 -19.82
CA THR A 157 37.02 10.96 -19.72
C THR A 157 36.55 11.78 -18.53
N ARG A 158 35.42 11.39 -17.93
CA ARG A 158 34.77 12.17 -16.87
C ARG A 158 34.34 13.56 -17.29
N GLU A 159 34.18 13.77 -18.59
CA GLU A 159 33.64 15.02 -19.01
C GLU A 159 32.13 14.99 -18.88
N PRO A 160 31.49 16.12 -18.55
CA PRO A 160 30.03 16.19 -18.60
C PRO A 160 29.47 15.79 -19.97
N VAL A 161 28.40 15.02 -19.98
CA VAL A 161 27.61 14.74 -21.15
C VAL A 161 26.31 15.50 -20.91
N THR A 162 26.12 16.64 -21.54
CA THR A 162 24.91 17.42 -21.34
C THR A 162 24.59 18.27 -22.55
N ASP A 163 23.29 18.48 -22.73
CA ASP A 163 22.71 19.39 -23.71
C ASP A 163 22.61 20.84 -23.20
N ASN A 164 22.90 21.09 -21.93
CA ASN A 164 22.59 22.36 -21.31
C ASN A 164 23.55 22.53 -20.14
N VAL A 165 24.61 23.28 -20.37
CA VAL A 165 25.66 23.45 -19.40
C VAL A 165 25.17 24.19 -18.15
N GLU A 166 24.19 25.09 -18.29
CA GLU A 166 23.67 25.80 -17.13
C GLU A 166 22.87 24.84 -16.25
N LYS A 167 22.10 23.96 -16.86
CA LYS A 167 21.33 22.98 -16.11
C LYS A 167 22.29 22.04 -15.39
N PHE A 168 23.36 21.60 -16.06
CA PHE A 168 24.32 20.69 -15.47
C PHE A 168 24.97 21.29 -14.24
N ALA A 169 25.36 22.55 -14.34
CA ALA A 169 25.96 23.25 -13.19
C ALA A 169 24.98 23.38 -12.03
N ILE A 170 23.70 23.62 -12.32
CA ILE A 170 22.72 23.70 -11.23
C ILE A 170 22.51 22.31 -10.61
N GLU A 171 22.42 21.27 -11.45
CA GLU A 171 22.24 19.91 -10.98
C GLU A 171 23.37 19.47 -10.04
N THR A 172 24.59 19.64 -10.50
CA THR A 172 25.75 19.22 -9.74
C THR A 172 25.94 20.06 -8.44
N GLU A 173 25.64 21.34 -8.49
CA GLU A 173 25.77 22.13 -7.30
C GLU A 173 24.73 21.70 -6.23
N LEU A 174 23.53 21.28 -6.66
CA LEU A 174 22.55 20.80 -5.72
C LEU A 174 23.07 19.54 -5.02
N ILE A 175 23.73 18.69 -5.79
CA ILE A 175 24.35 17.49 -5.25
C ILE A 175 25.44 17.88 -4.24
N TYR A 176 26.27 18.87 -4.59
CA TYR A 176 27.40 19.19 -3.72
C TYR A 176 26.93 19.91 -2.47
N LYS A 177 25.77 20.55 -2.54
CA LYS A 177 25.21 21.28 -1.40
C LYS A 177 24.46 20.39 -0.42
N TYR A 178 23.67 19.46 -0.95
CA TYR A 178 22.73 18.67 -0.14
C TYR A 178 23.06 17.21 0.04
N SER A 179 23.92 16.65 -0.80
CA SER A 179 24.20 15.22 -0.70
C SER A 179 25.35 14.97 0.27
N PRO A 180 25.69 13.70 0.53
CA PRO A 180 26.82 13.41 1.38
C PRO A 180 28.17 13.69 0.75
N PHE A 181 28.19 14.03 -0.54
CA PHE A 181 29.41 14.17 -1.35
C PHE A 181 29.50 15.60 -1.86
N ARG A 182 30.52 16.31 -1.41
CA ARG A 182 30.50 17.76 -1.50
C ARG A 182 31.40 18.35 -2.58
N THR A 183 32.05 17.48 -3.34
CA THR A 183 32.84 17.89 -4.48
C THR A 183 32.69 16.89 -5.61
N GLU A 184 33.05 17.31 -6.82
CA GLU A 184 33.08 16.41 -7.97
C GLU A 184 33.96 15.19 -7.67
N GLU A 185 35.09 15.44 -7.03
CA GLU A 185 36.04 14.39 -6.69
C GLU A 185 35.38 13.35 -5.78
N GLU A 186 34.58 13.79 -4.79
CA GLU A 186 33.89 12.85 -3.90
C GLU A 186 32.85 12.02 -4.66
N VAL A 187 32.15 12.67 -5.58
CA VAL A 187 31.22 11.97 -6.44
C VAL A 187 31.91 10.89 -7.27
N MET A 188 33.03 11.25 -7.90
CA MET A 188 33.77 10.30 -8.73
C MET A 188 34.25 9.09 -7.94
N THR A 189 34.61 9.32 -6.68
CA THR A 189 34.96 8.19 -5.82
C THR A 189 33.81 7.19 -5.71
N GLN A 190 32.57 7.68 -5.72
CA GLN A 190 31.41 6.78 -5.63
C GLN A 190 31.23 6.02 -6.94
N PHE A 191 31.41 6.68 -8.07
CA PHE A 191 31.35 5.97 -9.35
C PHE A 191 32.44 4.89 -9.47
N MET A 192 33.61 5.13 -8.87
CA MET A 192 34.69 4.14 -8.87
C MET A 192 34.39 2.85 -8.07
N LYS A 193 33.39 2.88 -7.21
CA LYS A 193 33.02 1.67 -6.50
C LYS A 193 32.26 0.67 -7.36
N ILE A 194 31.85 1.10 -8.57
CA ILE A 194 31.23 0.22 -9.56
C ILE A 194 32.37 -0.22 -10.48
N PRO A 195 33.02 -1.34 -10.15
CA PRO A 195 34.31 -1.61 -10.80
C PRO A 195 34.23 -2.20 -12.19
N GLY A 196 33.11 -2.82 -12.54
CA GLY A 196 32.96 -3.41 -13.85
C GLY A 196 32.56 -2.43 -14.93
N ASP A 197 32.10 -3.00 -16.02
CA ASP A 197 31.59 -2.24 -17.13
C ASP A 197 30.27 -1.57 -16.79
N SER A 198 29.53 -2.17 -15.85
CA SER A 198 28.22 -1.73 -15.48
C SER A 198 27.86 -2.09 -14.03
N GLY A 199 26.93 -1.33 -13.49
CA GLY A 199 26.45 -1.57 -12.15
C GLY A 199 25.75 -0.34 -11.59
N THR A 200 25.21 -0.49 -10.38
CA THR A 200 24.45 0.57 -9.73
C THR A 200 24.75 0.59 -8.24
N LEU A 201 24.81 1.80 -7.71
CA LEU A 201 25.03 2.04 -6.27
C LEU A 201 23.91 2.97 -5.80
N VAL A 202 23.06 2.48 -4.90
CA VAL A 202 21.98 3.29 -4.32
C VAL A 202 22.35 3.58 -2.87
N ILE A 203 22.39 4.85 -2.49
CA ILE A 203 22.75 5.23 -1.14
C ILE A 203 21.56 5.97 -0.49
N ILE A 204 20.97 5.37 0.54
CA ILE A 204 19.85 5.98 1.27
C ILE A 204 20.45 6.59 2.52
N PHE A 205 20.05 7.82 2.84
CA PHE A 205 20.64 8.52 3.95
C PHE A 205 19.63 9.42 4.61
N ASN A 206 20.01 9.94 5.77
CA ASN A 206 19.12 10.59 6.71
C ASN A 206 18.01 9.63 7.06
N LEU A 207 18.42 8.55 7.72
CA LEU A 207 17.53 7.44 8.03
C LEU A 207 16.52 7.82 9.07
N LYS A 208 15.36 7.16 9.00
CA LYS A 208 14.28 7.41 9.95
C LYS A 208 14.68 7.00 11.37
N LEU A 209 14.23 7.78 12.35
CA LEU A 209 14.49 7.55 13.76
C LEU A 209 13.24 7.08 14.47
N MET A 210 13.44 6.29 15.50
CA MET A 210 12.37 5.96 16.44
C MET A 210 12.23 7.10 17.40
N ASP A 211 11.19 7.03 18.23
CA ASP A 211 10.93 8.09 19.25
C ASP A 211 12.12 8.41 20.14
N ASN A 212 12.90 7.38 20.50
CA ASN A 212 14.07 7.55 21.35
C ASN A 212 15.28 8.13 20.65
N GLY A 213 15.13 8.53 19.38
CA GLY A 213 16.19 9.16 18.59
C GLY A 213 17.19 8.20 17.97
N GLU A 214 16.94 6.90 18.08
CA GLU A 214 17.84 5.93 17.47
C GLU A 214 17.28 5.42 16.13
N PRO A 215 18.16 5.00 15.20
CA PRO A 215 17.64 4.54 13.92
C PRO A 215 16.79 3.29 14.03
N GLU A 216 15.87 3.07 13.08
CA GLU A 216 15.04 1.87 13.10
C GLU A 216 15.87 0.65 12.83
N LEU A 217 16.99 0.84 12.13
CA LEU A 217 17.87 -0.24 11.77
C LEU A 217 19.09 -0.31 12.68
N ASP A 218 19.34 -1.47 13.26
CA ASP A 218 20.43 -1.66 14.18
C ASP A 218 21.50 -2.45 13.42
N ILE A 219 22.65 -1.82 13.23
CA ILE A 219 23.80 -2.45 12.61
C ILE A 219 24.95 -2.61 13.60
N ILE A 220 24.70 -2.36 14.88
CA ILE A 220 25.73 -2.41 15.91
C ILE A 220 25.68 -3.71 16.70
N SER A 221 24.48 -4.14 17.08
CA SER A 221 24.33 -5.35 17.90
C SER A 221 24.98 -6.56 17.29
N ASN A 222 24.83 -6.71 15.99
CA ASN A 222 25.53 -7.73 15.20
C ASN A 222 26.10 -7.02 13.98
N PRO A 223 27.41 -6.78 13.97
CA PRO A 223 27.99 -6.04 12.87
C PRO A 223 28.06 -6.80 11.55
N ARG A 224 27.61 -8.06 11.53
CA ARG A 224 27.37 -8.78 10.27
C ARG A 224 25.92 -8.77 9.79
N ASP A 225 25.06 -7.97 10.41
CA ASP A 225 23.65 -8.01 10.09
C ASP A 225 23.07 -6.59 10.07
N ILE A 226 21.85 -6.52 9.57
CA ILE A 226 21.01 -5.34 9.69
C ILE A 226 19.76 -5.82 10.42
N GLN A 227 19.53 -5.34 11.63
CA GLN A 227 18.43 -5.83 12.44
C GLN A 227 17.43 -4.74 12.71
N MET A 228 16.19 -5.12 13.00
CA MET A 228 15.21 -4.17 13.53
C MET A 228 15.61 -3.81 14.95
N ALA A 229 15.69 -2.52 15.21
CA ALA A 229 15.98 -2.05 16.54
C ALA A 229 14.74 -2.27 17.43
N GLU A 230 14.83 -3.42 18.05
CA GLU A 230 14.05 -3.82 19.18
C GLU A 230 14.63 -5.16 19.62
N GLU A 234 12.30 -14.13 22.56
CA GLU A 234 12.11 -13.52 21.25
C GLU A 234 10.65 -13.68 20.79
N GLY A 235 9.86 -12.60 20.80
CA GLY A 235 8.55 -12.60 20.13
C GLY A 235 8.49 -12.76 18.59
N THR A 236 9.61 -12.61 17.91
CA THR A 236 9.60 -12.41 16.47
C THR A 236 10.31 -13.57 15.74
N LYS A 237 9.77 -14.03 14.63
CA LYS A 237 10.50 -14.93 13.71
C LYS A 237 11.80 -14.29 13.22
N PRO A 238 12.85 -15.09 12.98
CA PRO A 238 14.13 -14.47 12.59
C PRO A 238 14.05 -13.55 11.35
N GLU A 239 13.22 -13.91 10.36
CA GLU A 239 13.11 -13.14 9.14
C GLU A 239 12.43 -11.83 9.33
N ARG A 240 11.76 -11.65 10.47
CA ARG A 240 11.16 -10.34 10.75
C ARG A 240 12.03 -9.45 11.60
N ARG A 241 13.18 -9.92 12.04
CA ARG A 241 14.09 -9.07 12.82
C ARG A 241 15.51 -9.01 12.27
N SER A 242 15.92 -9.97 11.44
CA SER A 242 17.27 -10.03 10.92
C SER A 242 17.22 -9.99 9.39
N PHE A 243 17.85 -8.99 8.80
CA PHE A 243 17.80 -8.89 7.36
C PHE A 243 18.60 -10.01 6.73
N ARG A 244 19.63 -10.47 7.41
CA ARG A 244 20.42 -11.63 6.94
C ARG A 244 19.53 -12.84 6.82
N ALA A 245 18.68 -13.07 7.81
CA ALA A 245 17.73 -14.18 7.70
C ALA A 245 16.73 -13.99 6.55
N TYR A 246 16.18 -12.77 6.41
CA TYR A 246 15.16 -12.51 5.42
C TYR A 246 15.73 -12.63 4.02
N ALA A 247 16.88 -12.02 3.81
CA ALA A 247 17.53 -12.06 2.49
C ALA A 247 17.80 -13.48 2.04
N ALA A 248 18.10 -14.37 2.97
CA ALA A 248 18.44 -15.74 2.60
C ALA A 248 17.30 -16.46 1.90
N VAL A 249 16.05 -16.09 2.21
CA VAL A 249 14.88 -16.78 1.70
C VAL A 249 13.99 -15.89 0.85
N LEU A 250 14.48 -14.71 0.50
CA LEU A 250 13.69 -13.79 -0.30
C LEU A 250 13.30 -14.34 -1.67
N TYR A 251 14.16 -15.18 -2.25
CA TYR A 251 13.88 -15.72 -3.59
C TYR A 251 13.88 -17.22 -3.52
N ILE A 252 12.98 -17.85 -4.25
CA ILE A 252 12.84 -19.27 -4.18
C ILE A 252 14.02 -19.96 -4.88
N ASP A 253 14.63 -19.32 -5.86
CA ASP A 253 15.69 -19.88 -6.68
C ASP A 253 16.89 -18.87 -6.69
N PRO A 254 17.56 -18.71 -5.57
CA PRO A 254 18.62 -17.71 -5.50
C PRO A 254 19.79 -18.04 -6.45
N ARG A 255 20.30 -17.00 -7.10
CA ARG A 255 21.54 -17.06 -7.87
C ARG A 255 22.50 -15.97 -7.50
N MET A 256 22.00 -14.74 -7.59
CA MET A 256 22.68 -13.54 -7.13
C MET A 256 23.16 -13.79 -5.72
N ARG A 257 24.43 -13.57 -5.48
CA ARG A 257 24.99 -13.62 -4.17
C ARG A 257 24.64 -12.33 -3.42
N ILE A 258 24.39 -12.45 -2.12
CA ILE A 258 24.10 -11.29 -1.28
C ILE A 258 25.14 -11.21 -0.19
N PHE A 259 25.71 -10.02 -0.01
CA PHE A 259 26.66 -9.76 1.08
C PHE A 259 26.10 -8.63 1.94
N ILE A 260 26.18 -8.77 3.28
CA ILE A 260 25.76 -7.73 4.21
C ILE A 260 26.98 -7.32 5.05
N HIS A 261 27.32 -6.04 4.99
CA HIS A 261 28.56 -5.50 5.59
C HIS A 261 29.78 -6.34 5.22
N GLY A 262 29.81 -6.83 3.99
CA GLY A 262 30.95 -7.59 3.48
C GLY A 262 30.94 -9.08 3.74
N HIS A 263 29.93 -9.57 4.43
CA HIS A 263 29.87 -10.97 4.84
C HIS A 263 28.75 -11.69 4.10
N LYS A 264 29.12 -12.75 3.39
CA LYS A 264 28.21 -13.49 2.53
C LYS A 264 26.97 -13.97 3.30
N VAL A 265 25.80 -13.84 2.70
CA VAL A 265 24.58 -14.43 3.20
C VAL A 265 24.46 -15.81 2.64
N GLN A 266 24.20 -16.77 3.51
CA GLN A 266 23.97 -18.13 3.09
C GLN A 266 22.55 -18.22 2.59
N THR A 267 22.36 -17.91 1.31
CA THR A 267 21.04 -17.98 0.72
C THR A 267 20.69 -19.43 0.63
N LYS A 268 19.40 -19.72 0.58
CA LYS A 268 19.00 -21.09 0.62
C LYS A 268 17.75 -21.31 -0.19
N ARG A 269 17.56 -22.56 -0.61
CA ARG A 269 16.30 -23.04 -1.12
C ARG A 269 15.60 -23.77 0.02
N LEU A 270 14.46 -23.24 0.47
CA LEU A 270 13.80 -23.80 1.64
C LEU A 270 13.50 -25.27 1.48
N SER A 271 13.09 -25.65 0.28
CA SER A 271 12.78 -27.05 0.04
C SER A 271 13.98 -28.00 0.18
N CYS A 272 15.22 -27.50 0.08
CA CYS A 272 16.41 -28.32 0.33
C CYS A 272 16.91 -28.29 1.77
N CYS A 273 16.18 -27.64 2.68
CA CYS A 273 16.63 -27.52 4.09
C CYS A 273 15.78 -28.34 5.04
N LEU A 274 15.02 -29.27 4.49
CA LEU A 274 13.97 -29.93 5.21
C LEU A 274 14.14 -31.44 5.14
N TYR A 275 13.60 -32.08 6.17
CA TYR A 275 13.57 -33.52 6.28
C TYR A 275 12.44 -34.06 5.36
N LYS A 276 12.80 -35.07 4.56
CA LYS A 276 11.85 -35.81 3.73
C LYS A 276 10.89 -34.93 2.92
N PRO A 277 11.44 -34.11 2.03
CA PRO A 277 10.58 -33.24 1.22
C PRO A 277 9.76 -34.01 0.21
N ARG A 278 8.54 -33.57 -0.05
CA ARG A 278 7.63 -34.19 -1.00
C ARG A 278 6.86 -33.13 -1.76
N MET A 279 6.55 -33.40 -3.03
CA MET A 279 5.89 -32.43 -3.89
C MET A 279 4.52 -32.94 -4.31
N TYR A 280 3.55 -32.03 -4.38
CA TYR A 280 2.19 -32.36 -4.82
C TYR A 280 1.82 -31.36 -5.90
N LYS A 281 1.27 -31.86 -7.00
CA LYS A 281 0.82 -31.00 -8.12
C LYS A 281 -0.64 -30.66 -7.89
N TYR A 282 -0.96 -29.38 -7.95
CA TYR A 282 -2.32 -28.93 -7.75
C TYR A 282 -2.77 -28.32 -9.04
N THR A 283 -3.78 -28.93 -9.66
CA THR A 283 -4.32 -28.45 -10.93
C THR A 283 -5.12 -27.20 -10.65
N SER A 284 -4.77 -26.05 -11.26
CA SER A 284 -5.38 -24.75 -10.88
C SER A 284 -6.33 -24.35 -11.95
N SER A 285 -7.62 -24.31 -11.60
CA SER A 285 -8.63 -23.89 -12.55
C SER A 285 -8.47 -22.42 -12.95
N ARG A 286 -8.02 -21.53 -12.03
CA ARG A 286 -7.78 -20.13 -12.42
C ARG A 286 -6.66 -20.03 -13.44
N PHE A 287 -5.58 -20.76 -13.20
CA PHE A 287 -4.42 -20.75 -14.09
C PHE A 287 -4.84 -21.15 -15.50
N LYS A 288 -5.59 -22.24 -15.62
CA LYS A 288 -6.04 -22.71 -16.93
C LYS A 288 -7.04 -21.75 -17.59
N THR A 289 -8.06 -21.33 -16.84
CA THR A 289 -9.06 -20.36 -17.31
C THR A 289 -8.41 -19.09 -17.81
N ARG A 290 -7.46 -18.56 -17.05
CA ARG A 290 -6.83 -17.31 -17.43
C ARG A 290 -5.89 -17.45 -18.55
N ALA A 291 -5.16 -18.56 -18.62
CA ALA A 291 -4.29 -18.80 -19.76
C ALA A 291 -5.09 -18.94 -21.05
N GLU A 292 -6.26 -19.57 -20.98
CA GLU A 292 -7.18 -19.68 -22.12
C GLU A 292 -7.68 -18.31 -22.58
N GLN A 293 -8.03 -17.44 -21.63
CA GLN A 293 -8.51 -16.08 -21.98
C GLN A 293 -7.42 -15.25 -22.59
N GLU A 294 -6.19 -15.44 -22.16
CA GLU A 294 -5.07 -14.74 -22.78
C GLU A 294 -4.85 -15.19 -24.21
N VAL A 295 -4.95 -16.49 -24.47
CA VAL A 295 -4.84 -16.99 -25.84
C VAL A 295 -5.96 -16.45 -26.72
N LYS A 296 -7.18 -16.42 -26.22
CA LYS A 296 -8.29 -15.90 -26.99
C LYS A 296 -8.10 -14.41 -27.33
N LYS A 297 -7.54 -13.62 -26.41
CA LYS A 297 -7.25 -12.21 -26.67
C LYS A 297 -6.24 -12.10 -27.79
N ALA A 298 -5.18 -12.89 -27.71
CA ALA A 298 -4.14 -12.88 -28.74
C ALA A 298 -4.61 -13.40 -30.09
N GLU A 299 -5.50 -14.40 -30.10
CA GLU A 299 -6.13 -14.85 -31.34
C GLU A 299 -6.94 -13.75 -32.01
N HIS A 300 -7.74 -13.03 -31.23
CA HIS A 300 -8.49 -11.88 -31.70
C HIS A 300 -7.57 -10.83 -32.26
N VAL A 301 -6.54 -10.45 -31.51
CA VAL A 301 -5.63 -9.40 -31.98
C VAL A 301 -4.96 -9.77 -33.28
N ALA A 302 -4.52 -11.02 -33.38
CA ALA A 302 -3.88 -11.53 -34.59
C ALA A 302 -4.86 -11.56 -35.76
N ARG A 303 -6.09 -12.00 -35.52
CA ARG A 303 -7.07 -12.08 -36.58
C ARG A 303 -7.44 -10.72 -37.13
N ILE A 304 -7.65 -9.75 -36.25
CA ILE A 304 -7.93 -8.39 -36.72
C ILE A 304 -6.77 -7.78 -37.50
N ALA A 305 -5.55 -8.00 -37.04
CA ALA A 305 -4.37 -7.51 -37.75
C ALA A 305 -4.24 -8.16 -39.12
N GLU A 306 -4.60 -9.45 -39.23
CA GLU A 306 -4.57 -10.14 -40.50
C GLU A 306 -5.63 -9.58 -41.44
N GLU A 307 -6.82 -9.31 -40.93
CA GLU A 307 -7.86 -8.68 -41.75
C GLU A 307 -7.40 -7.33 -42.31
N LYS A 308 -6.79 -6.50 -41.48
CA LYS A 308 -6.28 -5.20 -41.93
C LYS A 308 -5.17 -5.32 -42.96
N ALA A 309 -4.28 -6.29 -42.77
CA ALA A 309 -3.19 -6.51 -43.73
C ALA A 309 -3.71 -6.99 -45.04
N ARG A 310 -4.66 -7.91 -45.01
CA ARG A 310 -5.24 -8.40 -46.26
C ARG A 310 -5.98 -7.31 -47.02
N GLU A 311 -6.63 -6.40 -46.29
CA GLU A 311 -7.30 -5.24 -46.89
C GLU A 311 -6.29 -4.35 -47.62
N ALA A 312 -5.17 -4.06 -46.97
CA ALA A 312 -4.16 -3.20 -47.58
C ALA A 312 -3.51 -3.90 -48.77
N GLU A 313 -3.27 -5.20 -48.63
CA GLU A 313 -2.67 -6.01 -49.72
C GLU A 313 -3.56 -6.06 -50.94
N SER A 314 -4.86 -6.25 -50.72
CA SER A 314 -5.85 -6.18 -51.79
C SER A 314 -5.84 -4.84 -52.49
N LYS A 315 -5.82 -3.77 -51.71
CA LYS A 315 -5.79 -2.44 -52.27
C LYS A 315 -4.56 -2.22 -53.13
N ALA A 316 -3.39 -2.67 -52.66
CA ALA A 316 -2.16 -2.52 -53.43
C ALA A 316 -2.27 -3.27 -54.77
N ARG A 317 -2.86 -4.46 -54.74
CA ARG A 317 -3.05 -5.21 -55.98
C ARG A 317 -3.98 -4.51 -56.95
N THR A 318 -5.14 -4.13 -56.45
CA THR A 318 -6.13 -3.55 -57.32
C THR A 318 -5.70 -2.17 -57.82
N LEU A 319 -5.10 -1.37 -56.95
CA LEU A 319 -4.65 -0.06 -57.36
C LEU A 319 -3.59 -0.15 -58.46
N GLU A 320 -2.68 -1.10 -58.33
CA GLU A 320 -1.64 -1.25 -59.35
C GLU A 320 -2.21 -1.55 -60.72
N VAL A 321 -3.22 -2.41 -60.80
CA VAL A 321 -3.80 -2.66 -62.11
C VAL A 321 -4.52 -1.43 -62.64
N ARG A 322 -5.23 -0.70 -61.77
CA ARG A 322 -5.94 0.53 -62.19
C ARG A 322 -4.98 1.56 -62.79
N LEU A 323 -3.74 1.58 -62.31
CA LEU A 323 -2.71 2.49 -62.82
C LEU A 323 -1.69 1.79 -63.73
N LEU A 327 1.79 6.43 -66.22
CA LEU A 327 2.19 6.58 -64.85
C LEU A 327 2.70 8.01 -64.60
N THR A 328 1.78 8.84 -64.17
CA THR A 328 2.12 10.17 -63.63
C THR A 328 2.87 10.03 -62.30
N ARG A 329 3.62 11.07 -61.94
CA ARG A 329 4.35 11.04 -60.68
C ARG A 329 3.38 10.97 -59.48
N ASP A 330 2.25 11.67 -59.60
CA ASP A 330 1.20 11.64 -58.57
C ASP A 330 0.72 10.21 -58.30
N SER A 331 0.36 9.47 -59.37
CA SER A 331 -0.10 8.09 -59.18
C SER A 331 1.02 7.16 -58.70
N ARG A 332 2.27 7.44 -59.06
CA ARG A 332 3.40 6.67 -58.55
C ARG A 332 3.54 6.83 -57.04
N VAL A 333 3.47 8.05 -56.56
CA VAL A 333 3.59 8.29 -55.11
C VAL A 333 2.41 7.68 -54.31
N MET A 334 1.20 7.81 -54.82
CA MET A 334 0.04 7.24 -54.15
C MET A 334 0.05 5.69 -54.19
N LEU A 335 0.56 5.09 -55.26
CA LEU A 335 0.66 3.62 -55.30
C LEU A 335 1.68 3.13 -54.30
N ARG A 336 2.83 3.79 -54.24
CA ARG A 336 3.87 3.42 -53.27
C ARG A 336 3.36 3.61 -51.84
N GLN A 337 2.54 4.64 -51.60
CA GLN A 337 2.06 4.85 -50.27
C GLN A 337 1.19 3.68 -49.79
N VAL A 338 0.31 3.16 -50.65
CA VAL A 338 -0.50 2.01 -50.24
C VAL A 338 0.31 0.70 -50.23
N GLN A 339 1.28 0.56 -51.15
CA GLN A 339 2.19 -0.60 -51.14
C GLN A 339 3.01 -0.69 -49.86
N ASN A 340 3.53 0.44 -49.40
CA ASN A 340 4.27 0.48 -48.15
C ASN A 340 3.39 0.25 -46.94
N ARG A 341 2.17 0.78 -46.96
CA ARG A 341 1.20 0.53 -45.91
C ARG A 341 0.86 -0.97 -45.82
N ALA A 342 0.70 -1.64 -46.97
CA ALA A 342 0.47 -3.09 -46.98
C ALA A 342 1.65 -3.84 -46.38
N ILE A 343 2.87 -3.44 -46.75
CA ILE A 343 4.04 -4.11 -46.21
C ILE A 343 4.14 -3.93 -44.70
N THR A 344 3.88 -2.72 -44.20
CA THR A 344 3.91 -2.48 -42.76
C THR A 344 2.88 -3.31 -42.01
N LEU A 345 1.66 -3.36 -42.53
CA LEU A 345 0.59 -4.08 -41.83
C LEU A 345 0.79 -5.57 -41.87
N ARG A 346 1.39 -6.09 -42.95
CA ARG A 346 1.73 -7.51 -43.04
C ARG A 346 2.78 -7.86 -41.99
N ARG A 347 3.79 -7.02 -41.84
CA ARG A 347 4.81 -7.30 -40.82
C ARG A 347 4.18 -7.28 -39.40
N GLU A 348 3.24 -6.35 -39.16
CA GLU A 348 2.57 -6.28 -37.85
C GLU A 348 1.68 -7.49 -37.64
N ALA A 349 0.98 -7.92 -38.69
CA ALA A 349 0.12 -9.11 -38.56
C ALA A 349 0.93 -10.37 -38.27
N ASP A 350 2.11 -10.48 -38.87
CA ASP A 350 3.00 -11.61 -38.63
C ASP A 350 3.61 -11.61 -37.22
N VAL A 351 3.84 -10.43 -36.66
CA VAL A 351 4.25 -10.38 -35.26
C VAL A 351 3.15 -10.82 -34.29
N LYS A 352 1.92 -10.36 -34.52
CA LYS A 352 0.82 -10.75 -33.64
C LYS A 352 0.54 -12.25 -33.73
N LYS A 353 0.69 -12.82 -34.93
CA LYS A 353 0.55 -14.26 -35.12
C LYS A 353 1.55 -15.02 -34.27
N ARG A 354 2.80 -14.60 -34.27
CA ARG A 354 3.85 -15.29 -33.51
C ARG A 354 3.60 -15.18 -32.00
N ILE A 355 3.16 -14.03 -31.54
CA ILE A 355 2.76 -13.86 -30.14
C ILE A 355 1.67 -14.85 -29.78
N LYS A 356 0.65 -14.92 -30.62
CA LYS A 356 -0.46 -15.86 -30.41
C LYS A 356 -0.02 -17.31 -30.42
N GLU A 357 0.84 -17.66 -31.37
CA GLU A 357 1.29 -19.04 -31.45
C GLU A 357 2.13 -19.44 -30.23
N ALA A 358 2.91 -18.51 -29.70
CA ALA A 358 3.70 -18.76 -28.50
C ALA A 358 2.79 -19.02 -27.30
N LYS A 359 1.77 -18.19 -27.16
CA LYS A 359 0.78 -18.37 -26.10
C LYS A 359 -0.02 -19.68 -26.23
N GLN A 360 -0.33 -20.07 -27.46
CA GLN A 360 -0.97 -21.38 -27.69
C GLN A 360 -0.08 -22.55 -27.23
N ARG A 361 1.21 -22.44 -27.52
CA ARG A 361 2.14 -23.49 -27.11
C ARG A 361 2.25 -23.55 -25.60
N ALA A 362 2.36 -22.38 -24.97
CA ALA A 362 2.43 -22.31 -23.53
C ALA A 362 1.16 -22.86 -22.87
N LEU A 363 -0.01 -22.64 -23.49
CA LEU A 363 -1.29 -23.11 -22.94
C LEU A 363 -1.32 -24.63 -22.73
N LYS A 364 -0.65 -25.35 -23.61
CA LYS A 364 -0.61 -26.80 -23.51
C LYS A 364 0.29 -27.36 -22.39
N GLU A 365 1.09 -26.52 -21.76
CA GLU A 365 1.86 -26.96 -20.60
C GLU A 365 0.91 -27.20 -19.41
N PRO A 366 1.25 -28.13 -18.50
CA PRO A 366 0.38 -28.38 -17.34
C PRO A 366 0.13 -27.12 -16.51
N LYS A 367 -1.15 -26.85 -16.24
CA LYS A 367 -1.54 -25.65 -15.52
C LYS A 367 -1.70 -25.99 -14.06
N GLU A 368 -0.55 -26.19 -13.40
CA GLU A 368 -0.47 -26.67 -12.01
C GLU A 368 0.44 -25.82 -11.17
N LEU A 369 0.14 -25.79 -9.87
CA LEU A 369 1.04 -25.26 -8.87
C LEU A 369 1.73 -26.42 -8.21
N ASN A 370 2.97 -26.23 -7.81
CA ASN A 370 3.74 -27.28 -7.14
C ASN A 370 3.86 -26.92 -5.69
N PHE A 371 3.22 -27.69 -4.82
CA PHE A 371 3.36 -27.50 -3.37
C PHE A 371 4.46 -28.41 -2.90
N VAL A 372 5.44 -27.89 -2.19
CA VAL A 372 6.47 -28.73 -1.58
C VAL A 372 6.40 -28.64 -0.06
N PHE A 373 6.39 -29.79 0.62
CA PHE A 373 6.39 -29.85 2.08
C PHE A 373 7.59 -30.62 2.64
N GLY A 374 8.08 -30.18 3.80
CA GLY A 374 9.15 -30.88 4.50
C GLY A 374 9.14 -30.50 5.95
N VAL A 375 9.78 -31.32 6.76
CA VAL A 375 9.85 -31.09 8.20
C VAL A 375 11.10 -30.28 8.56
N ASN A 376 10.90 -29.21 9.30
CA ASN A 376 12.00 -28.35 9.77
C ASN A 376 12.53 -28.93 11.07
N ILE A 377 13.42 -29.91 10.95
CA ILE A 377 13.95 -30.56 12.16
C ILE A 377 14.98 -29.72 12.91
N GLU A 378 15.57 -28.76 12.24
CA GLU A 378 16.53 -27.89 12.90
C GLU A 378 15.82 -26.87 13.79
N HIS A 379 14.61 -26.40 13.40
CA HIS A 379 13.83 -25.43 14.20
C HIS A 379 12.34 -25.69 14.04
N ARG A 380 11.84 -26.70 14.72
CA ARG A 380 10.47 -27.11 14.46
C ARG A 380 9.44 -26.01 14.72
N ASP A 381 9.76 -25.01 15.54
CA ASP A 381 8.84 -23.87 15.75
C ASP A 381 8.76 -22.92 14.55
N LEU A 382 9.65 -23.08 13.58
CA LEU A 382 9.68 -22.21 12.41
C LEU A 382 9.02 -22.93 11.22
N ASP A 383 7.69 -22.89 11.21
CA ASP A 383 6.90 -23.73 10.34
C ASP A 383 5.75 -22.91 9.75
N GLY A 384 5.02 -23.55 8.86
CA GLY A 384 4.01 -22.87 8.07
C GLY A 384 4.43 -22.71 6.64
N MET A 385 3.60 -22.03 5.89
CA MET A 385 3.77 -21.91 4.45
C MET A 385 4.53 -20.63 4.04
N PHE A 386 5.37 -20.78 3.02
CA PHE A 386 6.09 -19.70 2.44
C PHE A 386 5.58 -19.59 0.98
N ILE A 387 4.99 -18.44 0.64
CA ILE A 387 4.27 -18.29 -0.61
C ILE A 387 5.03 -17.27 -1.43
N TYR A 388 5.57 -17.71 -2.57
CA TYR A 388 6.36 -16.89 -3.49
C TYR A 388 5.49 -16.53 -4.70
N ASN A 389 5.81 -15.42 -5.36
CA ASN A 389 5.05 -14.93 -6.53
C ASN A 389 6.08 -14.52 -7.54
N CYS A 390 6.10 -15.20 -8.70
CA CYS A 390 7.17 -15.04 -9.68
C CYS A 390 8.57 -15.10 -8.99
N SER A 391 8.69 -16.05 -8.07
CA SER A 391 9.95 -16.35 -7.36
C SER A 391 10.32 -15.48 -6.15
N ARG A 392 9.48 -14.49 -5.85
CA ARG A 392 9.75 -13.51 -4.80
C ARG A 392 8.83 -13.79 -3.63
N LEU A 393 9.39 -13.79 -2.44
CA LEU A 393 8.62 -14.15 -1.23
C LEU A 393 7.62 -13.06 -0.89
N ILE A 394 6.36 -13.45 -0.76
CA ILE A 394 5.30 -12.53 -0.40
C ILE A 394 4.80 -12.76 1.05
N LYS A 395 4.52 -14.01 1.40
CA LYS A 395 4.00 -14.37 2.70
C LYS A 395 4.85 -15.46 3.30
N MET A 396 5.11 -15.35 4.60
CA MET A 396 5.93 -16.33 5.33
C MET A 396 5.23 -16.82 6.58
N TYR A 397 5.51 -18.06 6.96
CA TYR A 397 4.99 -18.67 8.21
C TYR A 397 3.49 -18.64 8.28
N GLU A 398 2.83 -18.89 7.17
CA GLU A 398 1.38 -18.88 7.14
C GLU A 398 0.86 -20.26 7.50
N LYS A 399 0.13 -20.36 8.61
CA LYS A 399 -0.36 -21.68 9.08
C LYS A 399 -1.62 -22.08 8.34
N VAL A 400 -1.69 -23.35 7.96
CA VAL A 400 -2.80 -23.88 7.17
C VAL A 400 -3.19 -25.27 7.65
N GLY A 401 -4.40 -25.66 7.25
CA GLY A 401 -4.93 -26.98 7.49
C GLY A 401 -4.84 -27.41 8.95
N PRO A 402 -4.30 -28.63 9.20
CA PRO A 402 -4.14 -29.09 10.57
C PRO A 402 -3.38 -28.14 11.51
N GLN A 403 -2.51 -27.30 10.97
CA GLN A 403 -1.73 -26.36 11.81
C GLN A 403 -2.59 -25.31 12.48
N LEU A 404 -3.78 -25.06 11.93
CA LEU A 404 -4.72 -24.11 12.54
C LEU A 404 -5.42 -24.61 13.79
N GLU A 405 -5.27 -25.90 14.12
CA GLU A 405 -5.79 -26.42 15.36
C GLU A 405 -4.70 -26.44 16.43
N GLY A 406 -5.12 -26.67 17.68
CA GLY A 406 -4.18 -26.91 18.77
C GLY A 406 -3.79 -28.36 18.70
N GLY A 407 -2.73 -28.66 17.94
CA GLY A 407 -2.22 -30.04 17.83
C GLY A 407 -0.73 -30.10 17.55
N MET A 408 -0.16 -31.29 17.69
CA MET A 408 1.19 -31.58 17.18
C MET A 408 1.16 -31.99 15.70
N ALA A 409 -0.03 -32.35 15.21
CA ALA A 409 -0.24 -32.74 13.81
C ALA A 409 0.23 -31.62 12.91
N CYS A 410 1.19 -31.93 12.05
CA CYS A 410 1.79 -30.99 11.12
C CYS A 410 2.61 -29.89 11.79
N GLY A 411 2.82 -29.97 13.11
CA GLY A 411 3.78 -29.11 13.77
C GLY A 411 5.16 -29.36 13.18
N GLY A 412 5.86 -28.28 12.80
CA GLY A 412 7.19 -28.37 12.24
C GLY A 412 7.26 -28.45 10.72
N VAL A 413 6.12 -28.60 10.05
CA VAL A 413 6.12 -28.75 8.62
C VAL A 413 6.18 -27.37 7.94
N VAL A 414 7.13 -27.23 7.01
CA VAL A 414 7.26 -26.04 6.18
C VAL A 414 6.75 -26.41 4.80
N GLY A 415 5.98 -25.50 4.21
CA GLY A 415 5.49 -25.68 2.83
C GLY A 415 5.95 -24.51 1.99
N VAL A 416 6.18 -24.76 0.71
CA VAL A 416 6.67 -23.75 -0.24
C VAL A 416 5.89 -23.87 -1.51
N VAL A 417 5.47 -22.74 -2.09
CA VAL A 417 4.86 -22.73 -3.43
C VAL A 417 5.21 -21.45 -4.15
N ASP A 418 5.45 -21.54 -5.44
CA ASP A 418 5.74 -20.38 -6.30
C ASP A 418 4.49 -20.17 -7.17
N VAL A 419 3.86 -19.02 -7.02
CA VAL A 419 2.63 -18.73 -7.73
C VAL A 419 2.93 -17.80 -8.90
N PRO A 420 2.51 -18.17 -10.12
CA PRO A 420 2.73 -17.27 -11.27
C PRO A 420 1.80 -16.07 -11.26
N TYR A 421 2.20 -15.04 -11.99
CA TYR A 421 1.46 -13.80 -12.12
C TYR A 421 0.00 -14.03 -12.65
N LEU A 422 -0.22 -15.00 -13.52
CA LEU A 422 -1.61 -15.34 -13.93
C LEU A 422 -2.55 -15.81 -12.82
N VAL A 423 -1.99 -16.36 -11.78
CA VAL A 423 -2.81 -16.88 -10.71
C VAL A 423 -2.98 -15.80 -9.65
N LEU A 424 -1.90 -15.10 -9.27
CA LEU A 424 -1.99 -14.03 -8.27
C LEU A 424 -1.00 -12.91 -8.61
N GLU A 425 -1.42 -11.69 -8.40
CA GLU A 425 -0.48 -10.57 -8.38
C GLU A 425 -0.39 -9.96 -6.99
N PRO A 426 0.72 -9.27 -6.72
CA PRO A 426 0.92 -8.77 -5.37
C PRO A 426 0.25 -7.45 -5.15
N ARG A 427 -0.01 -7.13 -3.89
CA ARG A 427 -0.38 -5.78 -3.50
C ARG A 427 0.75 -4.78 -3.78
N HIS A 428 0.42 -3.50 -3.63
CA HIS A 428 1.34 -2.38 -3.84
C HIS A 428 2.65 -2.52 -3.10
N ASN A 429 2.64 -3.15 -1.88
CA ASN A 429 3.87 -3.23 -1.09
C ASN A 429 4.63 -4.55 -1.26
N LYS A 430 4.14 -5.41 -2.13
CA LYS A 430 4.67 -6.76 -2.36
C LYS A 430 4.82 -7.57 -1.10
N GLN A 431 3.88 -7.41 -0.17
CA GLN A 431 3.80 -8.21 1.09
C GLN A 431 2.43 -8.83 1.28
N ASP A 432 1.60 -8.80 0.24
CA ASP A 432 0.31 -9.42 0.26
C ASP A 432 -0.13 -9.67 -1.14
N PHE A 433 -1.28 -10.34 -1.31
CA PHE A 433 -1.85 -10.62 -2.59
C PHE A 433 -3.05 -9.74 -2.85
N ALA A 434 -3.12 -9.21 -4.06
CA ALA A 434 -4.19 -8.33 -4.47
C ALA A 434 -5.58 -8.98 -4.51
N ASP A 435 -5.67 -10.30 -4.68
CA ASP A 435 -6.96 -11.00 -4.74
C ASP A 435 -7.11 -11.89 -3.52
N ALA A 436 -7.73 -11.35 -2.48
CA ALA A 436 -7.82 -12.08 -1.21
C ALA A 436 -8.64 -13.36 -1.30
N LYS A 437 -9.73 -13.35 -2.07
CA LYS A 437 -10.55 -14.56 -2.22
C LYS A 437 -9.77 -15.73 -2.78
N GLU A 438 -9.01 -15.48 -3.82
CA GLU A 438 -8.24 -16.51 -4.46
C GLU A 438 -7.04 -16.94 -3.64
N TYR A 439 -6.49 -16.00 -2.87
CA TYR A 439 -5.40 -16.33 -1.96
C TYR A 439 -5.94 -17.28 -0.89
N ARG A 440 -7.11 -16.98 -0.34
CA ARG A 440 -7.68 -17.85 0.67
C ARG A 440 -8.00 -19.24 0.10
N HIS A 441 -8.45 -19.31 -1.14
CA HIS A 441 -8.68 -20.61 -1.77
C HIS A 441 -7.38 -21.40 -1.87
N LEU A 442 -6.30 -20.73 -2.27
CA LEU A 442 -4.99 -21.37 -2.34
C LEU A 442 -4.55 -21.89 -0.96
N LEU A 443 -4.73 -21.09 0.09
CA LEU A 443 -4.36 -21.53 1.43
C LEU A 443 -5.14 -22.76 1.83
N ARG A 444 -6.43 -22.81 1.49
CA ARG A 444 -7.24 -23.99 1.82
C ARG A 444 -6.72 -25.23 1.11
N ALA A 445 -6.34 -25.11 -0.17
CA ALA A 445 -5.81 -26.22 -0.92
C ALA A 445 -4.47 -26.69 -0.36
N MET A 446 -3.60 -25.74 -0.04
CA MET A 446 -2.34 -26.09 0.61
C MET A 446 -2.56 -26.87 1.90
N GLY A 447 -3.53 -26.43 2.70
CA GLY A 447 -3.85 -27.12 3.95
C GLY A 447 -4.27 -28.56 3.74
N GLU A 448 -5.05 -28.81 2.70
CA GLU A 448 -5.48 -30.18 2.42
C GLU A 448 -4.30 -31.05 1.98
N HIS A 449 -3.44 -30.50 1.13
CA HIS A 449 -2.25 -31.25 0.68
C HIS A 449 -1.27 -31.46 1.82
N LEU A 450 -1.19 -30.50 2.73
CA LEU A 450 -0.38 -30.64 3.94
C LEU A 450 -0.83 -31.86 4.72
N ALA A 451 -2.13 -31.99 4.90
CA ALA A 451 -2.66 -33.12 5.66
C ALA A 451 -2.27 -34.43 4.98
N GLN A 452 -2.30 -34.44 3.65
CA GLN A 452 -1.86 -35.63 2.90
C GLN A 452 -0.38 -35.92 3.11
N TYR A 453 0.43 -34.87 3.13
CA TYR A 453 1.87 -35.02 3.38
C TYR A 453 2.09 -35.70 4.72
N TRP A 454 1.38 -35.24 5.75
CA TRP A 454 1.52 -35.80 7.08
C TRP A 454 1.15 -37.29 7.12
N LYS A 455 0.15 -37.68 6.33
CA LYS A 455 -0.16 -39.10 6.21
C LYS A 455 0.91 -39.88 5.45
N ASP A 456 1.45 -39.27 4.41
CA ASP A 456 2.46 -39.91 3.56
C ASP A 456 3.79 -40.18 4.25
N ILE A 457 4.21 -39.34 5.18
CA ILE A 457 5.44 -39.64 5.93
C ILE A 457 5.17 -40.48 7.18
N ALA A 458 3.91 -40.53 7.60
CA ALA A 458 3.44 -41.48 8.61
C ALA A 458 4.28 -41.48 9.87
N ILE A 459 4.46 -40.32 10.47
CA ILE A 459 5.13 -40.25 11.76
C ILE A 459 4.35 -40.99 12.83
N ALA A 460 3.03 -41.01 12.71
CA ALA A 460 2.18 -41.69 13.67
C ALA A 460 2.54 -43.17 13.79
N GLN A 461 3.06 -43.73 12.71
CA GLN A 461 3.46 -45.13 12.70
C GLN A 461 4.39 -45.45 13.85
N ARG A 462 5.43 -44.64 14.01
CA ARG A 462 6.41 -44.84 15.08
C ARG A 462 6.15 -43.89 16.24
N GLY A 463 5.30 -42.89 16.01
CA GLY A 463 4.98 -41.92 17.03
C GLY A 463 5.64 -40.58 16.80
N ILE A 464 5.18 -39.55 17.49
CA ILE A 464 5.73 -38.21 17.36
C ILE A 464 6.63 -37.86 18.54
N ILE A 465 6.34 -38.47 19.69
CA ILE A 465 7.13 -38.23 20.90
C ILE A 465 8.53 -38.82 20.76
N LYS A 466 8.67 -39.84 19.93
CA LYS A 466 9.95 -40.49 19.71
C LYS A 466 10.69 -39.92 18.49
N PHE A 467 9.93 -39.56 17.46
CA PHE A 467 10.49 -38.88 16.29
C PHE A 467 11.28 -37.62 16.69
N TRP A 468 10.62 -36.72 17.40
CA TRP A 468 11.27 -35.47 17.82
C TRP A 468 12.39 -35.70 18.84
N ASP A 469 12.17 -36.64 19.76
CA ASP A 469 13.19 -36.97 20.75
C ASP A 469 14.51 -37.33 20.05
N GLU A 470 14.42 -38.08 18.95
CA GLU A 470 15.62 -38.54 18.27
C GLU A 470 16.49 -37.42 17.68
N PHE A 471 15.85 -36.32 17.27
CA PHE A 471 16.60 -35.17 16.76
C PHE A 471 17.00 -34.16 17.85
N GLY A 472 16.75 -34.48 19.11
CA GLY A 472 17.28 -33.69 20.23
C GLY A 472 16.29 -32.78 20.91
N TYR A 473 14.99 -33.05 20.75
CA TYR A 473 13.94 -32.22 21.36
C TYR A 473 13.43 -32.93 22.58
N LEU A 474 14.24 -32.78 23.62
CA LEU A 474 14.05 -33.30 24.97
C LEU A 474 13.03 -32.47 25.80
N SER A 475 13.10 -31.15 25.70
CA SER A 475 12.17 -30.28 26.45
C SER A 475 10.69 -30.50 26.03
N ALA A 476 9.80 -30.12 26.95
CA ALA A 476 8.36 -29.99 26.70
C ALA A 476 8.02 -28.55 26.32
N ASN A 477 9.03 -27.73 26.08
CA ASN A 477 8.89 -26.39 25.52
C ASN A 477 9.04 -26.43 23.96
N TRP A 478 7.91 -26.53 23.24
CA TRP A 478 7.89 -26.64 21.76
C TRP A 478 8.83 -25.62 21.14
N ASN A 479 8.80 -24.37 21.57
CA ASN A 479 9.66 -23.34 20.98
C ASN A 479 11.10 -23.25 21.57
N GLN A 480 11.61 -24.31 22.15
CA GLN A 480 13.00 -24.36 22.62
C GLN A 480 13.83 -25.06 21.55
N PRO A 481 15.06 -24.58 21.27
CA PRO A 481 15.91 -25.24 20.26
C PRO A 481 16.27 -26.71 20.60
N PRO A 482 16.58 -27.52 19.57
CA PRO A 482 16.96 -28.90 19.82
C PRO A 482 18.34 -28.98 20.41
N SER A 483 18.61 -30.09 21.09
CA SER A 483 19.89 -30.32 21.74
C SER A 483 21.08 -29.98 20.83
N SER A 484 22.11 -29.45 21.49
CA SER A 484 23.32 -29.00 20.82
C SER A 484 24.42 -30.06 20.89
N GLU A 485 24.14 -31.26 21.43
CA GLU A 485 25.23 -32.18 21.74
C GLU A 485 25.75 -32.74 20.44
N LEU A 486 26.84 -33.48 20.50
CA LEU A 486 27.51 -33.94 19.27
C LEU A 486 26.76 -35.02 18.51
N ARG A 487 25.97 -35.84 19.20
CA ARG A 487 25.20 -36.92 18.55
C ARG A 487 23.94 -36.42 17.85
N TYR A 488 23.30 -35.41 18.45
CA TYR A 488 22.04 -34.90 17.88
C TYR A 488 22.24 -33.98 16.68
N LYS A 489 23.31 -33.20 16.69
CA LYS A 489 23.75 -32.37 15.56
C LYS A 489 24.03 -33.26 14.32
N ARG A 490 24.73 -34.37 14.53
CA ARG A 490 25.06 -35.28 13.45
C ARG A 490 23.80 -35.98 12.96
N ARG A 491 22.91 -36.36 13.88
CA ARG A 491 21.70 -37.09 13.49
C ARG A 491 20.81 -36.24 12.59
N ARG A 492 20.69 -34.96 12.93
CA ARG A 492 19.97 -34.02 12.06
C ARG A 492 20.76 -33.73 10.78
N ALA A 493 22.09 -33.68 10.85
CA ALA A 493 22.90 -33.40 9.67
C ALA A 493 22.84 -34.50 8.63
N MET A 494 22.66 -35.76 9.03
CA MET A 494 22.56 -36.84 8.06
C MET A 494 21.27 -36.83 7.27
N GLU A 495 20.25 -36.13 7.75
CA GLU A 495 18.94 -36.07 7.07
C GLU A 495 18.78 -34.94 6.09
N ILE A 496 19.58 -33.90 6.23
CA ILE A 496 19.48 -32.75 5.39
C ILE A 496 20.86 -32.53 4.75
N PRO A 497 21.04 -32.93 3.47
CA PRO A 497 22.36 -32.73 2.90
C PRO A 497 22.70 -31.22 2.85
N THR A 498 23.98 -30.93 3.00
CA THR A 498 24.45 -29.59 2.94
C THR A 498 24.57 -29.20 1.48
N THR A 499 23.99 -28.05 1.12
CA THR A 499 24.18 -27.49 -0.20
C THR A 499 24.82 -26.13 -0.11
N ILE A 500 25.55 -25.78 -1.15
CA ILE A 500 26.39 -24.60 -1.13
C ILE A 500 26.56 -24.14 -2.57
N GLN A 501 26.75 -22.84 -2.73
CA GLN A 501 26.84 -22.21 -4.03
C GLN A 501 28.31 -21.83 -4.32
N CYS A 502 28.75 -22.11 -5.54
CA CYS A 502 30.13 -21.77 -5.89
C CYS A 502 30.22 -20.29 -6.13
N ASP A 503 31.20 -19.66 -5.49
CA ASP A 503 31.42 -18.23 -5.65
C ASP A 503 31.83 -17.79 -7.02
N LEU A 504 32.48 -18.68 -7.76
CA LEU A 504 32.90 -18.43 -9.17
C LEU A 504 31.79 -18.62 -10.20
N CYS A 505 31.21 -19.81 -10.29
CA CYS A 505 30.27 -20.10 -11.36
C CYS A 505 28.79 -19.96 -10.97
N LEU A 506 28.50 -19.68 -9.69
CA LEU A 506 27.10 -19.58 -9.16
C LEU A 506 26.28 -20.85 -9.24
N LYS A 507 26.92 -21.99 -9.51
CA LYS A 507 26.22 -23.27 -9.42
C LYS A 507 26.02 -23.72 -7.98
N TRP A 508 24.94 -24.44 -7.74
CA TRP A 508 24.60 -25.01 -6.44
C TRP A 508 25.09 -26.46 -6.43
N ARG A 509 25.73 -26.83 -5.34
CA ARG A 509 26.27 -28.18 -5.16
C ARG A 509 25.88 -28.76 -3.82
N THR A 510 25.86 -30.07 -3.77
CA THR A 510 25.61 -30.81 -2.53
C THR A 510 26.93 -31.41 -2.04
N LEU A 511 27.12 -31.45 -0.73
CA LEU A 511 28.35 -31.98 -0.16
C LEU A 511 28.02 -33.28 0.53
N PRO A 512 28.76 -34.36 0.22
CA PRO A 512 28.55 -35.55 1.04
C PRO A 512 28.72 -35.24 2.51
N PHE A 513 28.03 -36.00 3.34
CA PHE A 513 28.22 -35.86 4.75
C PHE A 513 29.72 -36.04 5.03
N GLN A 514 30.21 -35.19 5.93
CA GLN A 514 31.58 -35.20 6.39
C GLN A 514 31.51 -34.85 7.89
N LEU A 515 31.93 -35.81 8.74
CA LEU A 515 31.89 -35.68 10.21
C LEU A 515 32.85 -34.60 10.76
N SER A 516 33.97 -34.39 10.07
CA SER A 516 34.87 -33.26 10.34
C SER A 516 34.25 -31.87 9.97
N SER A 517 33.31 -31.84 9.02
CA SER A 517 32.56 -30.62 8.63
C SER A 517 31.31 -30.29 9.48
N VAL A 518 30.88 -31.20 10.35
CA VAL A 518 29.74 -30.91 11.22
C VAL A 518 30.12 -29.87 12.28
N GLU A 519 31.41 -29.80 12.60
CA GLU A 519 31.92 -28.90 13.65
C GLU A 519 31.87 -27.43 13.20
N LYS A 520 32.10 -27.15 11.91
CA LYS A 520 32.28 -25.79 11.39
C LYS A 520 31.09 -25.33 10.52
N ASP A 521 31.17 -24.10 10.02
CA ASP A 521 30.40 -23.64 8.86
C ASP A 521 31.40 -23.14 7.80
N TYR A 522 30.92 -22.57 6.69
CA TYR A 522 31.80 -22.30 5.52
C TYR A 522 32.06 -20.81 5.28
N PRO A 523 33.26 -20.48 4.76
CA PRO A 523 33.61 -19.08 4.79
C PRO A 523 32.90 -18.29 3.70
N ASP A 524 33.02 -16.99 3.82
CA ASP A 524 32.67 -16.10 2.70
C ASP A 524 32.98 -16.62 1.29
N THR A 525 34.02 -17.42 1.11
CA THR A 525 34.21 -18.12 -0.15
C THR A 525 34.19 -19.65 -0.03
N TRP A 526 33.53 -20.26 -1.01
CA TRP A 526 33.61 -21.68 -1.29
C TRP A 526 33.50 -21.82 -2.81
N VAL A 527 34.28 -22.72 -3.36
CA VAL A 527 34.21 -22.94 -4.80
C VAL A 527 34.13 -24.44 -5.08
N CYS A 528 33.71 -24.76 -6.29
CA CYS A 528 33.44 -26.12 -6.68
C CYS A 528 34.58 -27.08 -6.41
N SER A 529 35.83 -26.62 -6.53
CA SER A 529 36.99 -27.49 -6.38
C SER A 529 37.29 -27.80 -4.95
N MET A 530 36.59 -27.17 -4.00
CA MET A 530 36.64 -27.57 -2.59
C MET A 530 35.72 -28.81 -2.30
N ASN A 531 34.83 -29.14 -3.20
CA ASN A 531 33.87 -30.23 -3.01
C ASN A 531 34.56 -31.62 -2.94
N PRO A 532 34.31 -32.49 -1.95
CA PRO A 532 34.96 -33.84 -2.12
C PRO A 532 34.29 -34.86 -3.08
N ASP A 533 33.08 -34.57 -3.55
CA ASP A 533 32.40 -35.43 -4.52
C ASP A 533 33.12 -35.27 -5.87
N PRO A 534 33.83 -36.32 -6.36
CA PRO A 534 34.39 -36.28 -7.72
C PRO A 534 33.44 -35.85 -8.81
N GLU A 535 32.19 -36.29 -8.74
CA GLU A 535 31.19 -35.90 -9.74
C GLU A 535 30.78 -34.40 -9.78
N GLN A 536 31.17 -33.59 -8.80
CA GLN A 536 30.81 -32.16 -8.84
C GLN A 536 31.98 -31.27 -8.41
N ASP A 537 33.23 -31.66 -8.70
CA ASP A 537 34.41 -30.90 -8.15
C ASP A 537 35.05 -29.80 -9.05
N ARG A 538 34.38 -29.46 -10.13
CA ARG A 538 34.91 -28.47 -11.05
C ARG A 538 33.73 -27.63 -11.51
N CYS A 539 34.00 -26.37 -11.83
CA CYS A 539 32.93 -25.44 -12.17
C CYS A 539 32.15 -25.92 -13.39
N GLU A 540 32.92 -26.67 -14.22
CA GLU A 540 32.50 -27.39 -15.45
C GLU A 540 31.49 -28.53 -15.29
N ALA A 541 31.37 -29.12 -14.09
CA ALA A 541 30.46 -30.24 -13.88
C ALA A 541 29.07 -29.67 -13.88
N SER A 542 28.20 -30.23 -14.70
CA SER A 542 26.83 -29.68 -14.87
C SER A 542 26.09 -29.67 -13.51
N GLU A 543 25.29 -28.62 -13.29
CA GLU A 543 24.59 -28.42 -12.03
C GLU A 543 23.55 -29.53 -11.88
N GLN A 544 23.57 -30.24 -10.77
CA GLN A 544 22.61 -31.33 -10.56
C GLN A 544 21.35 -30.77 -9.86
N LYS A 545 20.19 -31.09 -10.44
CA LYS A 545 18.90 -30.58 -9.97
C LYS A 545 18.52 -31.49 -8.82
N GLN A 546 18.41 -30.93 -7.62
CA GLN A 546 18.08 -31.72 -6.41
C GLN A 546 16.58 -32.01 -6.40
N LYS A 547 16.20 -33.25 -6.70
CA LYS A 547 14.79 -33.59 -6.96
C LYS A 547 13.96 -34.29 -5.86
N VAL A 548 12.71 -33.86 -5.88
CA VAL A 548 11.81 -34.02 -4.78
C VAL A 548 10.81 -35.10 -5.15
N PRO A 549 10.73 -36.15 -4.33
CA PRO A 549 9.77 -37.21 -4.66
C PRO A 549 8.32 -36.71 -4.78
N LEU A 550 7.59 -37.31 -5.72
CA LEU A 550 6.22 -36.94 -5.98
C LEU A 550 5.23 -37.66 -5.06
N GLY A 551 4.38 -36.92 -4.37
CA GLY A 551 3.18 -37.47 -3.74
C GLY A 551 1.92 -37.20 -4.56
N THR A 552 0.84 -37.84 -4.15
CA THR A 552 -0.46 -37.65 -4.78
C THR A 552 -1.50 -37.36 -3.72
N PHE A 553 -2.44 -36.47 -4.04
CA PHE A 553 -3.51 -36.11 -3.13
C PHE A 553 -4.78 -36.89 -3.46
N THR B 7 18.46 29.47 -6.61
CA THR B 7 18.53 29.85 -8.06
C THR B 7 17.13 29.74 -8.71
N ASN B 8 17.13 29.49 -10.02
CA ASN B 8 15.98 29.15 -10.84
C ASN B 8 16.12 27.68 -11.25
N TYR B 9 15.12 26.86 -10.96
CA TYR B 9 15.17 25.44 -11.26
C TYR B 9 14.31 25.02 -12.47
N SER B 10 13.97 25.95 -13.34
CA SER B 10 12.97 25.65 -14.36
C SER B 10 13.44 24.63 -15.40
N SER B 11 14.73 24.55 -15.65
CA SER B 11 15.24 23.56 -16.59
C SER B 11 15.42 22.17 -15.97
N LEU B 12 15.24 22.00 -14.66
CA LEU B 12 15.54 20.70 -14.05
C LEU B 12 14.41 19.71 -14.22
N ASN B 13 14.76 18.42 -14.26
CA ASN B 13 13.78 17.35 -14.39
C ASN B 13 12.80 17.32 -13.20
N ARG B 14 11.56 17.02 -13.50
CA ARG B 14 10.49 16.77 -12.54
C ARG B 14 10.14 15.29 -12.58
N ALA B 15 9.79 14.71 -11.44
CA ALA B 15 9.26 13.35 -11.46
C ALA B 15 7.86 13.43 -12.05
N GLN B 16 7.46 12.44 -12.83
CA GLN B 16 6.14 12.45 -13.44
C GLN B 16 5.36 11.17 -13.28
N LEU B 17 4.05 11.30 -13.46
CA LEU B 17 3.10 10.20 -13.40
C LEU B 17 2.88 9.68 -14.80
N THR B 18 2.93 8.35 -14.99
CA THR B 18 2.53 7.74 -16.25
C THR B 18 1.22 7.01 -16.08
N PHE B 19 0.61 6.69 -17.20
CA PHE B 19 -0.71 6.05 -17.27
C PHE B 19 -0.79 4.79 -16.38
N GLU B 20 0.24 3.94 -16.47
CA GLU B 20 0.22 2.70 -15.73
C GLU B 20 0.21 2.91 -14.21
N TYR B 21 0.64 4.08 -13.74
CA TYR B 21 0.67 4.32 -12.32
C TYR B 21 -0.71 4.33 -11.73
N LEU B 22 -1.72 4.65 -12.54
CA LEU B 22 -3.08 4.65 -12.03
C LEU B 22 -3.45 3.22 -11.55
N HIS B 23 -3.02 2.22 -12.30
CA HIS B 23 -3.20 0.84 -11.89
C HIS B 23 -2.36 0.48 -10.67
N THR B 24 -1.05 0.82 -10.71
CA THR B 24 -0.16 0.56 -9.57
C THR B 24 -0.77 1.06 -8.24
N ASN B 25 -1.26 2.29 -8.25
CA ASN B 25 -1.78 2.93 -7.11
C ASN B 25 -2.99 2.18 -6.59
N SER B 26 -3.82 1.71 -7.51
CA SER B 26 -5.06 1.02 -7.15
C SER B 26 -4.83 -0.35 -6.47
N THR B 27 -3.65 -0.98 -6.66
CA THR B 27 -3.40 -2.29 -6.08
C THR B 27 -3.25 -2.26 -4.55
N THR B 28 -3.30 -1.07 -3.96
CA THR B 28 -3.28 -0.92 -2.53
C THR B 28 -4.54 -1.54 -1.88
N HIS B 29 -5.66 -1.56 -2.61
CA HIS B 29 -6.96 -1.96 -2.08
C HIS B 29 -7.31 -3.38 -2.42
N GLU B 30 -6.78 -4.34 -1.67
CA GLU B 30 -7.26 -5.72 -1.78
C GLU B 30 -8.74 -5.83 -1.35
N PHE B 31 -9.11 -5.13 -0.29
CA PHE B 31 -10.49 -5.09 0.24
C PHE B 31 -11.22 -4.05 -0.57
N LEU B 32 -12.09 -4.53 -1.47
CA LEU B 32 -12.76 -3.64 -2.39
C LEU B 32 -13.63 -2.60 -1.67
N PHE B 33 -14.28 -2.96 -0.58
CA PHE B 33 -15.08 -1.95 0.14
C PHE B 33 -14.24 -0.80 0.70
N GLY B 34 -12.96 -1.03 0.96
CA GLY B 34 -12.07 0.05 1.37
C GLY B 34 -11.79 1.06 0.27
N ALA B 35 -11.93 0.67 -1.00
CA ALA B 35 -11.85 1.60 -2.09
C ALA B 35 -13.09 2.48 -2.14
N LEU B 36 -14.27 1.88 -1.95
CA LEU B 36 -15.53 2.66 -1.83
C LEU B 36 -15.45 3.61 -0.66
N ALA B 37 -14.95 3.13 0.48
CA ALA B 37 -14.81 3.95 1.69
C ALA B 37 -14.02 5.25 1.45
N GLU B 38 -12.99 5.24 0.59
CA GLU B 38 -12.27 6.49 0.29
C GLU B 38 -13.20 7.58 -0.18
N LEU B 39 -14.17 7.23 -1.03
CA LEU B 39 -15.09 8.23 -1.55
C LEU B 39 -16.09 8.66 -0.49
N VAL B 40 -16.50 7.75 0.36
CA VAL B 40 -17.39 8.11 1.46
C VAL B 40 -16.67 9.07 2.41
N ASP B 41 -15.40 8.78 2.71
CA ASP B 41 -14.58 9.66 3.54
C ASP B 41 -14.54 11.09 2.99
N ASN B 42 -14.41 11.21 1.67
CA ASN B 42 -14.28 12.53 1.07
C ASN B 42 -15.58 13.31 1.27
N ALA B 43 -16.73 12.65 1.18
CA ALA B 43 -17.99 13.31 1.39
C ALA B 43 -18.10 13.77 2.87
N ARG B 44 -17.71 12.91 3.79
CA ARG B 44 -17.76 13.27 5.20
C ARG B 44 -16.88 14.50 5.46
N ASP B 45 -15.67 14.50 4.93
CA ASP B 45 -14.71 15.58 5.11
C ASP B 45 -15.26 16.90 4.52
N ALA B 46 -16.08 16.79 3.46
CA ALA B 46 -16.70 17.95 2.82
C ALA B 46 -17.96 18.42 3.51
N ASP B 47 -18.21 17.93 4.71
CA ASP B 47 -19.34 18.34 5.55
C ASP B 47 -20.68 17.98 4.92
N ALA B 48 -20.70 16.90 4.17
CA ALA B 48 -21.97 16.41 3.66
C ALA B 48 -22.89 15.96 4.81
N THR B 49 -24.16 16.28 4.68
CA THR B 49 -25.19 15.73 5.56
C THR B 49 -25.80 14.44 4.97
N ARG B 50 -25.55 14.20 3.69
CA ARG B 50 -26.08 13.02 3.04
C ARG B 50 -25.15 12.57 1.92
N ILE B 51 -24.95 11.27 1.79
CA ILE B 51 -24.35 10.69 0.59
C ILE B 51 -25.29 9.59 0.09
N ASP B 52 -25.54 9.63 -1.22
CA ASP B 52 -26.29 8.58 -1.91
C ASP B 52 -25.27 7.77 -2.73
N ILE B 53 -25.20 6.47 -2.46
CA ILE B 53 -24.40 5.55 -3.26
C ILE B 53 -25.40 4.67 -4.00
N TYR B 54 -25.38 4.74 -5.32
CA TYR B 54 -26.42 4.10 -6.10
C TYR B 54 -25.91 3.69 -7.48
N ALA B 55 -26.65 2.80 -8.11
CA ALA B 55 -26.33 2.28 -9.42
C ALA B 55 -27.19 2.94 -10.48
N GLU B 56 -26.59 3.22 -11.62
CA GLU B 56 -27.31 3.62 -12.82
C GLU B 56 -27.06 2.60 -13.91
N ARG B 57 -28.12 1.95 -14.35
CA ARG B 57 -27.97 0.83 -15.28
C ARG B 57 -27.54 1.33 -16.68
N ARG B 58 -26.56 0.66 -17.28
CA ARG B 58 -25.98 1.05 -18.54
C ARG B 58 -25.40 -0.21 -19.15
N GLU B 59 -26.22 -0.94 -19.89
CA GLU B 59 -25.79 -2.23 -20.46
C GLU B 59 -24.64 -2.14 -21.46
N ASP B 60 -24.45 -0.96 -22.05
CA ASP B 60 -23.34 -0.69 -22.96
C ASP B 60 -22.00 -0.44 -22.28
N LEU B 61 -21.98 -0.32 -20.95
CA LEU B 61 -20.75 -0.10 -20.19
C LEU B 61 -20.35 -1.38 -19.45
N ARG B 62 -19.06 -1.57 -19.25
CA ARG B 62 -18.58 -2.83 -18.69
C ARG B 62 -19.14 -3.02 -17.29
N GLY B 63 -19.71 -4.19 -17.02
CA GLY B 63 -20.34 -4.47 -15.75
C GLY B 63 -21.82 -4.15 -15.69
N GLY B 64 -22.32 -3.38 -16.65
CA GLY B 64 -23.76 -3.18 -16.83
C GLY B 64 -24.36 -2.06 -16.01
N PHE B 65 -23.55 -1.39 -15.18
CA PHE B 65 -23.99 -0.22 -14.45
C PHE B 65 -22.83 0.67 -14.07
N MET B 66 -23.15 1.92 -13.77
CA MET B 66 -22.22 2.88 -13.21
C MET B 66 -22.51 3.04 -11.71
N LEU B 67 -21.45 3.18 -10.93
CA LEU B 67 -21.54 3.34 -9.49
C LEU B 67 -21.39 4.82 -9.15
N CYS B 68 -22.42 5.37 -8.53
CA CYS B 68 -22.54 6.79 -8.33
C CYS B 68 -22.49 7.16 -6.85
N PHE B 69 -21.76 8.22 -6.55
CA PHE B 69 -21.61 8.78 -5.20
C PHE B 69 -22.01 10.24 -5.24
N LEU B 70 -23.18 10.55 -4.68
CA LEU B 70 -23.75 11.89 -4.73
C LEU B 70 -23.85 12.45 -3.31
N ASP B 71 -23.15 13.55 -3.06
CA ASP B 71 -23.14 14.16 -1.74
C ASP B 71 -23.57 15.61 -1.85
N ASP B 72 -24.08 16.13 -0.73
CA ASP B 72 -24.50 17.54 -0.64
C ASP B 72 -23.46 18.35 0.14
N GLY B 73 -22.19 17.92 0.08
CA GLY B 73 -21.12 18.62 0.78
C GLY B 73 -20.79 19.94 0.12
N ALA B 74 -19.66 20.49 0.56
CA ALA B 74 -19.19 21.79 0.17
C ALA B 74 -18.82 21.96 -1.31
N GLY B 75 -18.64 20.85 -2.04
CA GLY B 75 -18.26 20.95 -3.45
C GLY B 75 -16.83 21.47 -3.61
N MET B 76 -16.48 21.78 -4.85
CA MET B 76 -15.15 22.27 -5.21
C MET B 76 -15.25 23.39 -6.23
N ASP B 77 -14.47 24.44 -6.01
CA ASP B 77 -14.28 25.46 -7.03
C ASP B 77 -13.25 24.97 -8.03
N PRO B 78 -13.03 25.70 -9.12
CA PRO B 78 -12.16 25.16 -10.16
C PRO B 78 -10.73 24.89 -9.72
N SER B 79 -10.17 25.70 -8.83
CA SER B 79 -8.81 25.43 -8.39
C SER B 79 -8.77 24.22 -7.41
N ASP B 80 -9.80 24.06 -6.57
CA ASP B 80 -9.96 22.84 -5.77
C ASP B 80 -9.99 21.62 -6.67
N ALA B 81 -10.81 21.67 -7.71
CA ALA B 81 -10.91 20.55 -8.65
C ALA B 81 -9.57 20.24 -9.31
N ALA B 82 -8.85 21.27 -9.75
CA ALA B 82 -7.55 21.03 -10.37
C ALA B 82 -6.57 20.38 -9.40
N SER B 83 -6.62 20.73 -8.10
CA SER B 83 -5.71 20.11 -7.13
C SER B 83 -6.01 18.60 -6.87
N VAL B 84 -7.18 18.11 -7.26
CA VAL B 84 -7.44 16.68 -7.20
C VAL B 84 -6.39 15.83 -7.92
N ILE B 85 -5.84 16.34 -9.03
CA ILE B 85 -4.88 15.57 -9.79
C ILE B 85 -3.46 15.97 -9.50
N GLN B 86 -3.28 16.74 -8.44
CA GLN B 86 -1.96 16.98 -7.82
C GLN B 86 -1.77 15.90 -6.75
N PHE B 87 -1.20 14.78 -7.16
CA PHE B 87 -1.08 13.64 -6.26
C PHE B 87 -0.25 14.04 -5.03
N GLY B 88 -0.82 13.81 -3.85
CA GLY B 88 -0.15 14.15 -2.59
C GLY B 88 -0.60 15.45 -1.98
N LYS B 89 -1.30 16.28 -2.77
CA LYS B 89 -1.78 17.55 -2.27
C LYS B 89 -2.99 17.35 -1.37
N SER B 90 -2.95 17.88 -0.17
CA SER B 90 -4.04 17.75 0.81
C SER B 90 -4.04 18.99 1.72
N ALA B 91 -4.92 19.92 1.41
CA ALA B 91 -5.26 21.04 2.31
C ALA B 91 -5.72 20.57 3.71
N LYS B 92 -6.37 19.41 3.75
CA LYS B 92 -6.78 18.75 5.00
C LYS B 92 -5.61 18.41 5.93
N ARG B 93 -4.41 18.31 5.37
CA ARG B 93 -3.24 18.01 6.19
C ARG B 93 -2.87 19.31 6.96
N THR B 94 -3.52 19.50 8.12
CA THR B 94 -3.39 20.70 8.98
C THR B 94 -3.22 20.30 10.45
N PRO B 95 -2.62 21.18 11.32
CA PRO B 95 -2.62 20.85 12.78
C PRO B 95 -4.00 20.79 13.39
N GLU B 96 -4.14 19.89 14.37
CA GLU B 96 -5.39 19.37 14.92
C GLU B 96 -6.46 19.16 13.86
N SER B 97 -6.01 18.64 12.70
CA SER B 97 -6.91 18.25 11.62
C SER B 97 -7.74 17.09 12.14
N THR B 98 -9.04 17.22 11.99
CA THR B 98 -9.98 16.15 12.30
C THR B 98 -10.54 15.54 11.00
N GLN B 99 -10.02 15.98 9.85
CA GLN B 99 -10.33 15.36 8.58
C GLN B 99 -9.68 13.97 8.51
N ILE B 100 -10.38 13.09 7.85
CA ILE B 100 -9.86 11.79 7.53
C ILE B 100 -8.77 11.88 6.47
N GLY B 101 -8.99 12.72 5.47
CA GLY B 101 -8.02 12.87 4.40
C GLY B 101 -6.73 13.51 4.85
N GLN B 102 -5.61 12.91 4.44
CA GLN B 102 -4.30 13.47 4.69
C GLN B 102 -3.27 13.18 3.60
N TYR B 103 -3.46 12.13 2.79
CA TYR B 103 -2.39 11.64 1.91
C TYR B 103 -2.50 12.17 0.46
N GLY B 104 -3.58 12.87 0.11
CA GLY B 104 -3.74 13.39 -1.27
C GLY B 104 -3.85 12.35 -2.40
N ASN B 105 -4.46 11.21 -2.10
CA ASN B 105 -4.44 10.04 -2.95
C ASN B 105 -5.75 9.25 -3.03
N GLY B 106 -6.59 9.27 -1.99
CA GLY B 106 -7.67 8.29 -1.84
C GLY B 106 -8.65 8.18 -2.99
N LEU B 107 -9.07 9.31 -3.56
CA LEU B 107 -10.04 9.26 -4.65
C LEU B 107 -9.42 8.54 -5.86
N LYS B 108 -8.13 8.73 -6.05
CA LYS B 108 -7.45 8.16 -7.21
C LYS B 108 -7.17 6.65 -6.98
N SER B 109 -6.68 6.27 -5.81
CA SER B 109 -6.50 4.88 -5.53
C SER B 109 -7.82 4.09 -5.51
N GLY B 110 -8.83 4.63 -4.85
CA GLY B 110 -10.10 3.93 -4.73
C GLY B 110 -10.83 3.79 -6.05
N SER B 111 -11.00 4.91 -6.78
CA SER B 111 -11.76 4.86 -8.05
C SER B 111 -11.12 3.89 -9.04
N MET B 112 -9.80 3.90 -9.14
CA MET B 112 -9.14 3.02 -10.12
C MET B 112 -9.07 1.55 -9.70
N ARG B 113 -9.35 1.24 -8.43
CA ARG B 113 -9.60 -0.13 -8.01
C ARG B 113 -10.99 -0.61 -8.45
N ILE B 114 -11.99 0.26 -8.35
CA ILE B 114 -13.35 -0.10 -8.65
C ILE B 114 -13.66 -0.24 -10.17
N GLY B 115 -13.19 0.72 -10.99
CA GLY B 115 -13.50 0.71 -12.40
C GLY B 115 -12.38 1.28 -13.23
N LYS B 116 -12.56 1.21 -14.55
CA LYS B 116 -11.56 1.71 -15.48
C LYS B 116 -11.52 3.22 -15.51
N ASP B 117 -12.70 3.86 -15.40
CA ASP B 117 -12.88 5.29 -15.69
C ASP B 117 -13.72 5.94 -14.61
N PHE B 118 -13.54 7.24 -14.38
CA PHE B 118 -14.51 7.98 -13.61
C PHE B 118 -14.67 9.40 -14.15
N ILE B 119 -15.85 9.95 -13.91
CA ILE B 119 -16.16 11.31 -14.26
C ILE B 119 -16.81 11.90 -12.99
N LEU B 120 -16.37 13.10 -12.64
CA LEU B 120 -16.82 13.77 -11.44
C LEU B 120 -17.45 15.09 -11.83
N PHE B 121 -18.57 15.41 -11.22
CA PHE B 121 -19.24 16.70 -11.39
C PHE B 121 -19.32 17.35 -10.02
N THR B 122 -18.96 18.62 -9.93
CA THR B 122 -18.95 19.32 -8.66
C THR B 122 -19.39 20.76 -8.87
N LYS B 123 -20.01 21.32 -7.84
CA LYS B 123 -20.56 22.67 -7.91
C LYS B 123 -20.26 23.38 -6.59
N LYS B 124 -19.88 24.64 -6.71
CA LYS B 124 -19.63 25.47 -5.55
C LYS B 124 -19.82 26.93 -5.96
N GLU B 125 -20.63 27.67 -5.21
CA GLU B 125 -20.95 29.05 -5.54
C GLU B 125 -21.46 29.18 -6.99
N ASP B 126 -20.76 29.86 -7.87
CA ASP B 126 -21.35 30.09 -9.19
C ASP B 126 -20.63 29.31 -10.29
N THR B 127 -19.84 28.31 -9.90
CA THR B 127 -19.11 27.48 -10.87
C THR B 127 -19.51 26.04 -10.71
N MET B 128 -19.39 25.31 -11.79
CA MET B 128 -19.47 23.88 -11.71
C MET B 128 -18.46 23.31 -12.69
N THR B 129 -17.77 22.26 -12.22
CA THR B 129 -16.60 21.74 -12.89
C THR B 129 -16.78 20.26 -13.11
N CYS B 130 -16.32 19.81 -14.27
CA CYS B 130 -16.23 18.40 -14.57
C CYS B 130 -14.75 17.98 -14.60
N LEU B 131 -14.44 16.88 -13.92
CA LEU B 131 -13.12 16.29 -13.96
C LEU B 131 -13.30 14.87 -14.51
N PHE B 132 -12.60 14.56 -15.59
CA PHE B 132 -12.81 13.30 -16.32
C PHE B 132 -11.49 12.54 -16.38
N LEU B 133 -11.47 11.38 -15.73
CA LEU B 133 -10.31 10.50 -15.76
C LEU B 133 -10.65 9.25 -16.56
N SER B 134 -10.22 9.22 -17.82
CA SER B 134 -10.60 8.16 -18.75
C SER B 134 -9.40 7.33 -19.13
N ARG B 135 -9.27 6.16 -18.51
CA ARG B 135 -8.26 5.23 -18.98
C ARG B 135 -8.63 4.61 -20.36
N THR B 136 -9.92 4.57 -20.69
CA THR B 136 -10.35 4.14 -22.02
C THR B 136 -9.75 5.06 -23.11
N PHE B 137 -9.85 6.37 -22.92
CA PHE B 137 -9.18 7.34 -23.78
C PHE B 137 -7.69 7.12 -23.92
N HIS B 138 -7.01 6.96 -22.80
CA HIS B 138 -5.55 6.77 -22.83
C HIS B 138 -5.16 5.52 -23.57
N GLU B 139 -5.89 4.44 -23.37
CA GLU B 139 -5.63 3.21 -24.12
C GLU B 139 -5.92 3.36 -25.63
N GLU B 140 -7.08 3.91 -25.98
CA GLU B 140 -7.47 3.98 -27.38
C GLU B 140 -6.52 4.86 -28.19
N GLU B 141 -6.09 5.97 -27.64
CA GLU B 141 -5.20 6.89 -28.34
C GLU B 141 -4.04 6.52 -27.54
N GLY B 142 -2.84 6.37 -27.94
CA GLY B 142 -1.89 5.67 -27.00
C GLY B 142 -1.18 6.65 -26.08
N ILE B 143 -1.88 7.18 -25.09
CA ILE B 143 -1.34 8.25 -24.26
C ILE B 143 -0.71 7.66 -22.99
N ASP B 144 0.58 7.95 -22.80
CA ASP B 144 1.32 7.44 -21.67
C ASP B 144 1.44 8.43 -20.52
N GLU B 145 1.13 9.70 -20.75
CA GLU B 145 0.95 10.65 -19.69
C GLU B 145 -0.43 10.42 -19.07
N VAL B 146 -0.82 11.24 -18.09
CA VAL B 146 -2.16 11.21 -17.55
C VAL B 146 -2.76 12.57 -17.81
N ILE B 147 -3.65 12.62 -18.80
CA ILE B 147 -4.25 13.84 -19.33
C ILE B 147 -5.68 13.91 -18.82
N VAL B 148 -6.07 15.07 -18.28
CA VAL B 148 -7.35 15.14 -17.54
C VAL B 148 -8.15 16.38 -17.96
N PRO B 149 -9.22 16.19 -18.78
CA PRO B 149 -10.14 17.30 -19.02
C PRO B 149 -10.75 17.86 -17.72
N LEU B 150 -10.74 19.18 -17.62
CA LEU B 150 -11.23 19.92 -16.46
C LEU B 150 -12.08 21.18 -16.83
N PRO B 151 -13.13 21.00 -17.62
CA PRO B 151 -13.90 22.18 -17.98
C PRO B 151 -14.77 22.69 -16.84
N THR B 152 -14.95 24.01 -16.82
CA THR B 152 -15.81 24.69 -15.85
C THR B 152 -16.86 25.51 -16.60
N TRP B 153 -18.08 25.50 -16.07
CA TRP B 153 -19.14 26.35 -16.57
C TRP B 153 -19.66 27.22 -15.44
N ASN B 154 -20.29 28.33 -15.83
CA ASN B 154 -21.01 29.17 -14.89
C ASN B 154 -22.29 28.42 -14.49
N ALA B 155 -22.50 28.33 -13.18
CA ALA B 155 -23.59 27.53 -12.64
C ALA B 155 -24.97 28.08 -13.00
N ARG B 156 -25.06 29.41 -13.15
CA ARG B 156 -26.35 30.09 -13.37
C ARG B 156 -26.66 30.27 -14.86
N THR B 157 -25.66 30.64 -15.67
CA THR B 157 -25.84 30.92 -17.10
C THR B 157 -25.45 29.75 -18.02
N ARG B 158 -24.65 28.81 -17.50
CA ARG B 158 -24.12 27.68 -18.27
C ARG B 158 -23.13 28.10 -19.37
N GLU B 159 -22.55 29.29 -19.27
CA GLU B 159 -21.50 29.66 -20.21
C GLU B 159 -20.22 29.03 -19.75
N PRO B 160 -19.36 28.61 -20.69
CA PRO B 160 -18.03 28.16 -20.29
C PRO B 160 -17.28 29.25 -19.52
N VAL B 161 -16.50 28.83 -18.54
CA VAL B 161 -15.56 29.70 -17.84
C VAL B 161 -14.20 29.13 -18.17
N THR B 162 -13.50 29.81 -19.07
CA THR B 162 -12.24 29.31 -19.54
C THR B 162 -11.36 30.43 -20.07
N ASP B 163 -10.07 30.28 -19.85
CA ASP B 163 -9.09 31.22 -20.34
C ASP B 163 -8.61 30.81 -21.76
N ASN B 164 -9.12 29.70 -22.31
CA ASN B 164 -8.61 29.16 -23.57
C ASN B 164 -9.71 28.35 -24.24
N VAL B 165 -10.39 28.94 -25.21
CA VAL B 165 -11.58 28.29 -25.77
C VAL B 165 -11.22 27.09 -26.63
N GLU B 166 -10.04 27.12 -27.24
CA GLU B 166 -9.56 25.96 -27.99
C GLU B 166 -9.40 24.74 -27.06
N LYS B 167 -8.74 24.97 -25.92
CA LYS B 167 -8.58 23.93 -24.90
C LYS B 167 -9.94 23.43 -24.44
N PHE B 168 -10.85 24.36 -24.15
CA PHE B 168 -12.17 24.00 -23.63
C PHE B 168 -12.93 23.08 -24.60
N ALA B 169 -12.78 23.36 -25.89
CA ALA B 169 -13.42 22.56 -26.94
C ALA B 169 -12.85 21.14 -26.97
N ILE B 170 -11.54 21.02 -26.83
CA ILE B 170 -10.91 19.71 -26.81
C ILE B 170 -11.36 18.91 -25.58
N GLU B 171 -11.40 19.57 -24.44
CA GLU B 171 -11.82 18.94 -23.18
C GLU B 171 -13.23 18.36 -23.26
N THR B 172 -14.18 19.19 -23.70
CA THR B 172 -15.57 18.77 -23.79
C THR B 172 -15.77 17.72 -24.88
N GLU B 173 -15.07 17.87 -25.99
CA GLU B 173 -15.16 16.83 -27.01
C GLU B 173 -14.67 15.46 -26.53
N LEU B 174 -13.64 15.45 -25.69
CA LEU B 174 -13.20 14.21 -25.03
C LEU B 174 -14.27 13.63 -24.12
N ILE B 175 -14.90 14.48 -23.33
CA ILE B 175 -16.01 14.06 -22.48
C ILE B 175 -17.16 13.46 -23.31
N TYR B 176 -17.55 14.14 -24.39
CA TYR B 176 -18.66 13.67 -25.22
C TYR B 176 -18.30 12.40 -25.99
N LYS B 177 -17.03 12.23 -26.30
CA LYS B 177 -16.58 11.06 -27.02
C LYS B 177 -16.49 9.83 -26.12
N TYR B 178 -15.89 9.97 -24.92
CA TYR B 178 -15.50 8.82 -24.09
C TYR B 178 -16.33 8.58 -22.85
N SER B 179 -17.07 9.59 -22.40
CA SER B 179 -17.78 9.47 -21.12
C SER B 179 -19.14 8.83 -21.36
N PRO B 180 -19.90 8.56 -20.30
CA PRO B 180 -21.26 8.06 -20.50
C PRO B 180 -22.24 9.11 -21.07
N PHE B 181 -21.82 10.37 -21.18
CA PHE B 181 -22.72 11.47 -21.51
C PHE B 181 -22.22 12.11 -22.80
N ARG B 182 -23.03 12.00 -23.86
CA ARG B 182 -22.55 12.30 -25.21
C ARG B 182 -22.85 13.69 -25.73
N THR B 183 -23.51 14.52 -24.93
CA THR B 183 -23.88 15.87 -25.36
C THR B 183 -23.78 16.81 -24.19
N GLU B 184 -23.76 18.11 -24.47
CA GLU B 184 -23.77 19.09 -23.39
C GLU B 184 -25.03 18.96 -22.53
N GLU B 185 -26.17 18.69 -23.18
CA GLU B 185 -27.43 18.49 -22.45
C GLU B 185 -27.30 17.36 -21.43
N GLU B 186 -26.69 16.25 -21.84
CA GLU B 186 -26.55 15.12 -20.95
C GLU B 186 -25.64 15.45 -19.77
N VAL B 187 -24.58 16.21 -20.03
CA VAL B 187 -23.69 16.66 -18.98
C VAL B 187 -24.42 17.57 -17.99
N MET B 188 -25.21 18.51 -18.52
CA MET B 188 -25.99 19.43 -17.67
C MET B 188 -27.00 18.69 -16.81
N THR B 189 -27.59 17.63 -17.36
CA THR B 189 -28.46 16.76 -16.57
C THR B 189 -27.74 16.20 -15.33
N GLN B 190 -26.45 15.87 -15.44
CA GLN B 190 -25.71 15.36 -14.29
C GLN B 190 -25.46 16.47 -13.29
N PHE B 191 -25.09 17.65 -13.77
CA PHE B 191 -24.93 18.78 -12.86
C PHE B 191 -26.21 19.10 -12.11
N MET B 192 -27.36 18.97 -12.77
CA MET B 192 -28.62 19.22 -12.11
C MET B 192 -28.98 18.19 -11.03
N LYS B 193 -28.32 17.02 -11.01
CA LYS B 193 -28.51 16.06 -9.89
C LYS B 193 -27.91 16.52 -8.56
N ILE B 194 -27.09 17.57 -8.59
CA ILE B 194 -26.60 18.23 -7.39
C ILE B 194 -27.58 19.37 -7.09
N PRO B 195 -28.57 19.15 -6.21
CA PRO B 195 -29.68 20.14 -6.18
C PRO B 195 -29.42 21.44 -5.41
N GLY B 196 -28.52 21.40 -4.43
CA GLY B 196 -28.29 22.57 -3.59
C GLY B 196 -27.34 23.56 -4.23
N ASP B 197 -26.79 24.43 -3.39
CA ASP B 197 -25.78 25.40 -3.82
C ASP B 197 -24.42 24.71 -4.06
N SER B 198 -24.21 23.55 -3.44
CA SER B 198 -22.95 22.84 -3.60
C SER B 198 -23.12 21.36 -3.44
N GLY B 199 -22.13 20.64 -3.96
CA GLY B 199 -22.07 19.19 -3.81
C GLY B 199 -21.25 18.57 -4.91
N THR B 200 -21.13 17.24 -4.84
CA THR B 200 -20.27 16.49 -5.75
C THR B 200 -20.96 15.17 -6.14
N LEU B 201 -20.82 14.84 -7.42
CA LEU B 201 -21.26 13.58 -7.98
C LEU B 201 -20.07 12.89 -8.63
N VAL B 202 -19.70 11.74 -8.10
CA VAL B 202 -18.62 10.93 -8.66
C VAL B 202 -19.26 9.70 -9.27
N ILE B 203 -18.94 9.46 -10.55
CA ILE B 203 -19.49 8.33 -11.28
C ILE B 203 -18.34 7.46 -11.77
N ILE B 204 -18.27 6.24 -11.24
CA ILE B 204 -17.25 5.29 -11.66
C ILE B 204 -17.91 4.35 -12.63
N PHE B 205 -17.24 4.10 -13.77
CA PHE B 205 -17.84 3.25 -14.80
C PHE B 205 -16.81 2.39 -15.50
N ASN B 206 -17.32 1.48 -16.30
CA ASN B 206 -16.53 0.37 -16.80
C ASN B 206 -15.90 -0.38 -15.64
N LEU B 207 -16.79 -0.98 -14.86
CA LEU B 207 -16.44 -1.64 -13.60
C LEU B 207 -15.68 -2.93 -13.86
N LYS B 208 -14.89 -3.31 -12.88
CA LYS B 208 -14.04 -4.48 -13.02
C LYS B 208 -14.88 -5.74 -13.01
N LEU B 209 -14.46 -6.75 -13.77
CA LEU B 209 -15.17 -8.01 -13.87
C LEU B 209 -14.37 -9.14 -13.27
N MET B 210 -15.09 -10.13 -12.74
CA MET B 210 -14.50 -11.40 -12.33
C MET B 210 -14.29 -12.27 -13.55
N ASP B 211 -13.62 -13.41 -13.37
CA ASP B 211 -13.34 -14.35 -14.47
C ASP B 211 -14.59 -14.80 -15.24
N ASN B 212 -15.71 -14.94 -14.54
CA ASN B 212 -16.95 -15.35 -15.18
C ASN B 212 -17.65 -14.23 -15.93
N GLY B 213 -17.09 -13.02 -15.97
CA GLY B 213 -17.67 -11.91 -16.71
C GLY B 213 -18.69 -11.12 -15.92
N GLU B 214 -18.93 -11.51 -14.66
CA GLU B 214 -19.81 -10.73 -13.79
C GLU B 214 -19.04 -9.65 -13.03
N PRO B 215 -19.71 -8.54 -12.69
CA PRO B 215 -19.00 -7.52 -11.90
C PRO B 215 -18.68 -8.02 -10.50
N GLU B 216 -17.65 -7.43 -9.89
CA GLU B 216 -17.29 -7.76 -8.49
C GLU B 216 -18.38 -7.33 -7.50
N LEU B 217 -19.07 -6.26 -7.85
CA LEU B 217 -20.12 -5.72 -7.02
C LEU B 217 -21.47 -6.24 -7.51
N ASP B 218 -22.19 -6.89 -6.58
CA ASP B 218 -23.47 -7.51 -6.85
C ASP B 218 -24.55 -6.59 -6.28
N ILE B 219 -25.30 -5.96 -7.18
CA ILE B 219 -26.41 -5.12 -6.76
C ILE B 219 -27.78 -5.79 -7.03
N ILE B 220 -27.75 -7.07 -7.44
CA ILE B 220 -28.94 -7.81 -7.86
C ILE B 220 -29.50 -8.68 -6.74
N SER B 221 -28.63 -9.43 -6.07
CA SER B 221 -29.07 -10.36 -5.04
C SER B 221 -29.94 -9.69 -3.98
N ASN B 222 -29.47 -8.55 -3.47
CA ASN B 222 -30.28 -7.68 -2.60
C ASN B 222 -30.34 -6.30 -3.23
N PRO B 223 -31.49 -5.91 -3.80
CA PRO B 223 -31.55 -4.61 -4.49
C PRO B 223 -31.39 -3.39 -3.58
N ARG B 224 -31.37 -3.58 -2.27
CA ARG B 224 -31.08 -2.49 -1.33
C ARG B 224 -29.65 -2.47 -0.85
N ASP B 225 -28.76 -3.22 -1.50
CA ASP B 225 -27.40 -3.36 -1.00
C ASP B 225 -26.41 -3.41 -2.15
N ILE B 226 -25.15 -3.33 -1.78
CA ILE B 226 -24.05 -3.58 -2.66
C ILE B 226 -23.27 -4.67 -1.98
N GLN B 227 -23.28 -5.86 -2.55
CA GLN B 227 -22.62 -7.00 -1.94
C GLN B 227 -21.41 -7.42 -2.75
N MET B 228 -20.49 -8.10 -2.09
CA MET B 228 -19.42 -8.78 -2.81
C MET B 228 -19.99 -9.98 -3.56
N ALA B 229 -19.69 -10.10 -4.84
CA ALA B 229 -20.11 -11.23 -5.65
C ALA B 229 -19.20 -12.42 -5.40
N GLU B 230 -19.42 -13.09 -4.29
CA GLU B 230 -18.59 -14.24 -3.93
C GLU B 230 -19.33 -15.06 -2.90
N THR B 236 -18.04 -15.72 7.95
CA THR B 236 -17.83 -14.49 7.17
C THR B 236 -18.62 -13.32 7.77
N LYS B 237 -17.89 -12.26 8.10
CA LYS B 237 -18.48 -11.16 8.82
C LYS B 237 -19.34 -10.35 7.84
N PRO B 238 -20.51 -9.88 8.30
CA PRO B 238 -21.39 -9.10 7.42
C PRO B 238 -20.71 -7.90 6.77
N GLU B 239 -19.82 -7.23 7.50
CA GLU B 239 -19.17 -6.03 7.02
C GLU B 239 -18.16 -6.30 5.91
N ARG B 240 -17.75 -7.55 5.75
CA ARG B 240 -16.85 -7.94 4.65
CA ARG B 240 -16.84 -7.96 4.67
C ARG B 240 -17.60 -8.44 3.41
N ARG B 241 -18.93 -8.54 3.47
CA ARG B 241 -19.69 -8.87 2.24
C ARG B 241 -20.85 -7.94 1.90
N SER B 242 -21.32 -7.15 2.85
CA SER B 242 -22.45 -6.24 2.65
C SER B 242 -21.97 -4.81 2.88
N PHE B 243 -22.05 -3.97 1.87
CA PHE B 243 -21.65 -2.58 2.06
C PHE B 243 -22.57 -1.85 3.01
N ARG B 244 -23.85 -2.23 3.04
CA ARG B 244 -24.81 -1.68 4.01
C ARG B 244 -24.35 -1.92 5.43
N ALA B 245 -23.83 -3.11 5.68
CA ALA B 245 -23.30 -3.44 7.00
C ALA B 245 -22.03 -2.64 7.30
N TYR B 246 -21.10 -2.59 6.34
CA TYR B 246 -19.84 -1.91 6.53
C TYR B 246 -20.05 -0.42 6.73
N ALA B 247 -20.86 0.19 5.88
CA ALA B 247 -21.09 1.63 5.99
C ALA B 247 -21.68 2.03 7.32
N ALA B 248 -22.43 1.15 7.94
CA ALA B 248 -23.06 1.49 9.21
C ALA B 248 -22.07 1.73 10.36
N VAL B 249 -20.91 1.07 10.30
CA VAL B 249 -19.89 1.16 11.35
C VAL B 249 -18.61 1.83 10.92
N LEU B 250 -18.61 2.45 9.73
CA LEU B 250 -17.43 3.05 9.15
C LEU B 250 -16.88 4.16 10.01
N TYR B 251 -17.76 4.90 10.69
CA TYR B 251 -17.32 6.01 11.56
C TYR B 251 -17.78 5.77 12.98
N ILE B 252 -16.96 6.13 13.93
CA ILE B 252 -17.29 5.94 15.33
C ILE B 252 -18.38 6.90 15.78
N ASP B 253 -18.53 8.04 15.08
CA ASP B 253 -19.43 9.14 15.46
C ASP B 253 -20.22 9.61 14.24
N PRO B 254 -21.04 8.71 13.65
CA PRO B 254 -21.75 9.03 12.40
C PRO B 254 -22.63 10.27 12.53
N ARG B 255 -22.63 11.13 11.53
CA ARG B 255 -23.64 12.19 11.43
C ARG B 255 -24.25 12.20 10.04
N MET B 256 -23.41 12.38 9.03
CA MET B 256 -23.77 12.21 7.64
C MET B 256 -24.61 10.95 7.45
N ARG B 257 -25.77 11.13 6.82
CA ARG B 257 -26.68 10.05 6.47
C ARG B 257 -26.16 9.35 5.21
N ILE B 258 -26.31 8.04 5.15
CA ILE B 258 -25.86 7.24 4.05
C ILE B 258 -27.05 6.49 3.49
N PHE B 259 -27.24 6.56 2.17
CA PHE B 259 -28.30 5.83 1.47
C PHE B 259 -27.68 4.97 0.40
N ILE B 260 -28.11 3.72 0.30
CA ILE B 260 -27.69 2.81 -0.76
C ILE B 260 -28.92 2.48 -1.60
N HIS B 261 -28.83 2.82 -2.91
CA HIS B 261 -29.94 2.64 -3.85
C HIS B 261 -31.21 3.32 -3.34
N GLY B 262 -31.03 4.47 -2.68
CA GLY B 262 -32.16 5.22 -2.17
C GLY B 262 -32.71 4.75 -0.84
N HIS B 263 -32.13 3.74 -0.23
CA HIS B 263 -32.59 3.20 1.05
C HIS B 263 -31.61 3.55 2.18
N LYS B 264 -32.12 4.19 3.23
CA LYS B 264 -31.30 4.64 4.34
C LYS B 264 -30.56 3.48 4.99
N VAL B 265 -29.29 3.71 5.30
CA VAL B 265 -28.48 2.83 6.10
C VAL B 265 -28.66 3.24 7.57
N GLN B 266 -28.90 2.23 8.43
CA GLN B 266 -28.97 2.47 9.86
C GLN B 266 -27.56 2.52 10.40
N THR B 267 -26.98 3.71 10.37
CA THR B 267 -25.66 3.90 10.92
C THR B 267 -25.75 3.75 12.42
N LYS B 268 -24.61 3.48 13.05
CA LYS B 268 -24.65 3.23 14.48
C LYS B 268 -23.37 3.53 15.16
N ARG B 269 -23.49 3.72 16.46
CA ARG B 269 -22.38 3.87 17.33
C ARG B 269 -22.30 2.55 18.07
N LEU B 270 -21.25 1.79 17.81
CA LEU B 270 -21.15 0.45 18.36
C LEU B 270 -21.33 0.40 19.86
N SER B 271 -20.77 1.35 20.59
CA SER B 271 -20.95 1.41 22.05
C SER B 271 -22.41 1.54 22.52
N CYS B 272 -23.30 2.00 21.66
CA CYS B 272 -24.72 2.10 22.00
C CYS B 272 -25.54 0.87 21.67
N CYS B 273 -24.92 -0.15 21.10
CA CYS B 273 -25.61 -1.36 20.71
C CYS B 273 -25.27 -2.56 21.58
N LEU B 274 -24.62 -2.33 22.71
CA LEU B 274 -24.07 -3.43 23.50
C LEU B 274 -24.61 -3.47 24.92
N TYR B 275 -24.55 -4.65 25.51
CA TYR B 275 -24.97 -4.82 26.89
C TYR B 275 -23.88 -4.35 27.85
N LYS B 276 -24.31 -3.61 28.88
CA LYS B 276 -23.46 -3.06 29.93
C LYS B 276 -22.13 -2.47 29.42
N PRO B 277 -22.24 -1.45 28.58
CA PRO B 277 -21.02 -0.83 28.08
C PRO B 277 -20.25 -0.15 29.19
N ARG B 278 -18.92 -0.27 29.20
CA ARG B 278 -18.07 0.38 30.22
C ARG B 278 -16.82 0.94 29.57
N MET B 279 -16.32 2.05 30.10
CA MET B 279 -15.19 2.74 29.51
C MET B 279 -14.00 2.71 30.44
N TYR B 280 -12.82 2.42 29.88
CA TYR B 280 -11.58 2.40 30.63
C TYR B 280 -10.62 3.36 29.98
N LYS B 281 -10.06 4.24 30.78
CA LYS B 281 -9.09 5.18 30.32
C LYS B 281 -7.69 4.59 30.42
N TYR B 282 -6.96 4.62 29.32
CA TYR B 282 -5.63 4.06 29.23
C TYR B 282 -4.64 5.17 28.96
N THR B 283 -3.68 5.35 29.87
CA THR B 283 -2.64 6.39 29.75
C THR B 283 -1.60 5.91 28.73
N SER B 284 -1.42 6.69 27.67
CA SER B 284 -0.54 6.34 26.57
C SER B 284 0.73 7.17 26.66
N SER B 285 1.85 6.55 26.96
CA SER B 285 3.14 7.27 26.96
C SER B 285 3.50 7.83 25.58
N ARG B 286 3.21 7.08 24.55
CA ARG B 286 3.40 7.53 23.18
C ARG B 286 2.69 8.84 22.90
N PHE B 287 1.41 8.89 23.23
CA PHE B 287 0.59 10.08 23.05
C PHE B 287 1.25 11.29 23.72
N LYS B 288 1.68 11.11 24.97
CA LYS B 288 2.32 12.20 25.75
C LYS B 288 3.62 12.66 25.12
N THR B 289 4.51 11.73 24.80
CA THR B 289 5.82 12.11 24.25
C THR B 289 5.70 12.82 22.91
N ARG B 290 4.88 12.31 22.02
CA ARG B 290 4.69 12.95 20.73
C ARG B 290 4.07 14.35 20.84
N ALA B 291 3.10 14.52 21.73
CA ALA B 291 2.51 15.85 21.99
C ALA B 291 3.53 16.80 22.52
N GLU B 292 4.36 16.32 23.44
CA GLU B 292 5.48 17.12 23.99
C GLU B 292 6.44 17.55 22.93
N GLN B 293 6.70 16.70 21.92
CA GLN B 293 7.60 17.11 20.87
C GLN B 293 6.98 18.10 19.91
N GLU B 294 5.69 17.94 19.63
CA GLU B 294 4.96 18.91 18.82
C GLU B 294 4.94 20.31 19.45
N VAL B 295 5.01 20.35 20.77
CA VAL B 295 5.11 21.63 21.46
C VAL B 295 6.50 22.20 21.41
N LYS B 296 7.48 21.40 21.73
CA LYS B 296 8.84 21.89 21.69
C LYS B 296 9.19 22.48 20.31
N LYS B 297 8.60 21.93 19.26
CA LYS B 297 8.76 22.47 17.89
C LYS B 297 8.07 23.82 17.74
N ALA B 298 6.82 23.90 18.16
CA ALA B 298 6.07 25.16 18.05
C ALA B 298 6.74 26.28 18.81
N GLU B 299 7.34 25.94 19.97
CA GLU B 299 8.03 26.92 20.83
C GLU B 299 9.35 27.37 20.23
N HIS B 300 10.02 26.49 19.48
CA HIS B 300 11.20 26.91 18.73
C HIS B 300 10.80 27.82 17.56
N VAL B 301 9.72 27.48 16.86
CA VAL B 301 9.24 28.31 15.77
C VAL B 301 8.83 29.73 16.24
N ALA B 302 8.15 29.82 17.37
CA ALA B 302 7.76 31.11 17.91
C ALA B 302 8.97 31.89 18.45
N ARG B 303 9.96 31.17 18.96
CA ARG B 303 11.17 31.80 19.44
C ARG B 303 11.92 32.52 18.34
N ILE B 304 12.16 31.82 17.24
CA ILE B 304 12.87 32.42 16.12
C ILE B 304 12.13 33.66 15.60
N ALA B 305 10.82 33.55 15.43
CA ALA B 305 10.04 34.65 14.92
C ALA B 305 10.10 35.88 15.80
N GLU B 306 10.15 35.67 17.10
CA GLU B 306 10.23 36.76 18.06
C GLU B 306 11.55 37.52 17.96
N GLU B 307 12.65 36.79 17.83
CA GLU B 307 13.94 37.42 17.73
C GLU B 307 14.01 38.24 16.42
N LYS B 308 13.47 37.70 15.34
CA LYS B 308 13.39 38.44 14.08
C LYS B 308 12.56 39.70 14.19
N ALA B 309 11.41 39.61 14.84
CA ALA B 309 10.57 40.78 15.06
C ALA B 309 11.26 41.81 15.93
N ARG B 310 11.99 41.33 16.93
CA ARG B 310 12.62 42.24 17.88
C ARG B 310 13.81 42.97 17.27
N GLU B 311 14.56 42.32 16.39
CA GLU B 311 15.60 43.01 15.65
C GLU B 311 15.02 44.09 14.71
N ALA B 312 13.92 43.79 14.02
CA ALA B 312 13.36 44.70 13.06
C ALA B 312 12.75 45.91 13.75
N GLU B 313 12.10 45.69 14.89
CA GLU B 313 11.58 46.82 15.70
C GLU B 313 12.71 47.69 16.24
N SER B 314 13.79 47.06 16.68
CA SER B 314 14.97 47.80 17.14
C SER B 314 15.52 48.68 16.02
N LYS B 315 15.73 48.11 14.83
CA LYS B 315 16.17 48.91 13.68
C LYS B 315 15.26 50.09 13.39
N ALA B 316 13.95 49.85 13.47
CA ALA B 316 12.98 50.91 13.21
C ALA B 316 13.15 52.06 14.21
N ARG B 317 13.26 51.73 15.50
CA ARG B 317 13.49 52.77 16.51
C ARG B 317 14.78 53.52 16.29
N THR B 318 15.86 52.78 16.09
CA THR B 318 17.14 53.41 15.94
C THR B 318 17.21 54.33 14.71
N LEU B 319 16.63 53.87 13.60
CA LEU B 319 16.61 54.67 12.39
C LEU B 319 15.77 55.92 12.56
N GLU B 320 14.74 55.84 13.38
CA GLU B 320 13.96 57.01 13.63
C GLU B 320 14.73 58.08 14.40
N VAL B 321 15.51 57.69 15.41
CA VAL B 321 16.26 58.67 16.18
C VAL B 321 17.41 59.20 15.33
N ARG B 322 18.03 58.35 14.52
CA ARG B 322 19.10 58.81 13.65
C ARG B 322 18.60 59.79 12.58
N LEU B 323 17.45 59.48 11.98
CA LEU B 323 16.87 60.34 10.96
C LEU B 323 16.25 61.60 11.55
N GLY B 324 16.19 61.64 12.88
CA GLY B 324 15.61 62.77 13.59
C GLY B 324 16.19 64.09 13.12
N GLY B 325 15.38 64.87 12.41
CA GLY B 325 15.81 66.16 11.90
C GLY B 325 15.93 66.18 10.38
N ASP B 326 15.48 65.10 9.74
CA ASP B 326 15.53 64.99 8.30
C ASP B 326 14.17 65.23 7.67
N LEU B 327 14.10 66.18 6.73
CA LEU B 327 12.85 66.51 6.05
C LEU B 327 12.67 65.77 4.71
N THR B 328 13.68 65.04 4.24
CA THR B 328 13.66 64.52 2.88
C THR B 328 12.61 63.41 2.69
N ARG B 329 11.96 63.43 1.52
CA ARG B 329 10.99 62.39 1.09
C ARG B 329 11.65 61.03 1.22
N ASP B 330 12.90 60.95 0.72
CA ASP B 330 13.74 59.75 0.78
C ASP B 330 13.80 59.17 2.21
N SER B 331 14.38 59.89 3.15
CA SER B 331 14.42 59.40 4.53
C SER B 331 13.08 58.95 5.07
N ARG B 332 12.02 59.66 4.68
CA ARG B 332 10.65 59.29 5.06
C ARG B 332 10.19 57.96 4.46
N VAL B 333 10.33 57.78 3.14
CA VAL B 333 9.86 56.54 2.51
C VAL B 333 10.64 55.36 3.03
N MET B 334 11.96 55.52 3.14
CA MET B 334 12.82 54.47 3.69
C MET B 334 12.51 54.12 5.16
N LEU B 335 12.16 55.12 5.96
CA LEU B 335 11.78 54.88 7.35
C LEU B 335 10.48 54.05 7.47
N ARG B 336 9.63 54.08 6.44
CA ARG B 336 8.37 53.34 6.46
C ARG B 336 8.54 51.94 5.89
N GLN B 337 9.50 51.77 4.98
CA GLN B 337 9.85 50.45 4.55
C GLN B 337 10.29 49.61 5.76
N VAL B 338 11.16 50.19 6.60
CA VAL B 338 11.63 49.51 7.83
C VAL B 338 10.53 49.39 8.88
N GLN B 339 9.74 50.46 9.07
CA GLN B 339 8.67 50.41 10.06
C GLN B 339 7.64 49.34 9.73
N ASN B 340 7.23 49.26 8.47
CA ASN B 340 6.19 48.29 8.08
C ASN B 340 6.72 46.88 8.11
N ARG B 341 7.97 46.70 7.73
CA ARG B 341 8.61 45.41 7.88
C ARG B 341 8.63 44.92 9.35
N ALA B 342 8.89 45.84 10.26
CA ALA B 342 8.77 45.53 11.67
C ALA B 342 7.34 45.13 12.04
N ILE B 343 6.35 45.86 11.53
CA ILE B 343 4.94 45.56 11.84
C ILE B 343 4.57 44.15 11.37
N THR B 344 5.04 43.78 10.18
CA THR B 344 4.69 42.48 9.60
C THR B 344 5.33 41.33 10.38
N LEU B 345 6.61 41.48 10.72
CA LEU B 345 7.30 40.46 11.51
C LEU B 345 6.67 40.31 12.91
N ARG B 346 6.25 41.42 13.49
CA ARG B 346 5.60 41.38 14.78
C ARG B 346 4.29 40.58 14.72
N ARG B 347 3.49 40.81 13.69
CA ARG B 347 2.25 40.07 13.55
C ARG B 347 2.53 38.61 13.23
N GLU B 348 3.57 38.34 12.46
CA GLU B 348 4.01 36.94 12.25
C GLU B 348 4.44 36.28 13.55
N ALA B 349 5.18 37.01 14.39
CA ALA B 349 5.67 36.46 15.66
C ALA B 349 4.53 36.20 16.59
N ASP B 350 3.56 37.10 16.61
CA ASP B 350 2.37 36.94 17.47
C ASP B 350 1.52 35.75 17.07
N VAL B 351 1.36 35.51 15.80
CA VAL B 351 0.56 34.38 15.37
C VAL B 351 1.20 33.06 15.82
N LYS B 352 2.50 32.95 15.62
CA LYS B 352 3.21 31.73 16.03
C LYS B 352 3.20 31.54 17.54
N LYS B 353 3.24 32.65 18.28
CA LYS B 353 3.16 32.59 19.73
C LYS B 353 1.81 32.06 20.14
N ARG B 354 0.75 32.42 19.41
CA ARG B 354 -0.59 31.93 19.71
C ARG B 354 -0.73 30.42 19.48
N ILE B 355 -0.14 29.92 18.40
CA ILE B 355 -0.19 28.50 18.18
C ILE B 355 0.65 27.70 19.17
N LYS B 356 1.82 28.24 19.53
CA LYS B 356 2.60 27.65 20.60
C LYS B 356 1.75 27.54 21.87
N GLU B 357 1.13 28.63 22.29
CA GLU B 357 0.27 28.61 23.48
C GLU B 357 -0.87 27.60 23.40
N ALA B 358 -1.54 27.54 22.26
CA ALA B 358 -2.61 26.56 22.06
C ALA B 358 -2.10 25.11 22.16
N LYS B 359 -0.93 24.81 21.60
CA LYS B 359 -0.35 23.48 21.80
C LYS B 359 0.05 23.23 23.26
N GLN B 360 0.48 24.28 23.95
CA GLN B 360 0.84 24.13 25.36
C GLN B 360 -0.40 23.83 26.17
N ARG B 361 -1.52 24.47 25.86
CA ARG B 361 -2.75 24.19 26.59
C ARG B 361 -3.19 22.77 26.34
N ALA B 362 -3.25 22.35 25.09
CA ALA B 362 -3.61 20.96 24.74
C ALA B 362 -2.70 19.92 25.39
N LEU B 363 -1.42 20.23 25.57
CA LEU B 363 -0.52 19.29 26.23
C LEU B 363 -1.00 18.88 27.62
N LYS B 364 -1.73 19.74 28.31
CA LYS B 364 -2.18 19.47 29.66
C LYS B 364 -3.44 18.65 29.69
N GLU B 365 -4.19 18.54 28.57
CA GLU B 365 -5.29 17.59 28.45
C GLU B 365 -4.79 16.19 28.76
N PRO B 366 -5.66 15.30 29.23
CA PRO B 366 -5.15 13.96 29.52
C PRO B 366 -4.73 13.27 28.21
N LYS B 367 -3.66 12.47 28.29
CA LYS B 367 -3.09 11.78 27.11
C LYS B 367 -3.49 10.33 27.19
N GLU B 368 -4.77 10.11 26.92
CA GLU B 368 -5.43 8.86 27.23
C GLU B 368 -6.18 8.39 26.00
N LEU B 369 -6.25 7.07 25.89
CA LEU B 369 -7.14 6.41 24.93
C LEU B 369 -8.29 5.86 25.74
N ASN B 370 -9.48 5.90 25.16
CA ASN B 370 -10.69 5.46 25.82
C ASN B 370 -11.10 4.13 25.23
N PHE B 371 -10.92 3.05 25.98
CA PHE B 371 -11.39 1.75 25.55
C PHE B 371 -12.80 1.56 26.07
N VAL B 372 -13.72 1.21 25.17
CA VAL B 372 -15.09 0.90 25.55
C VAL B 372 -15.38 -0.55 25.19
N PHE B 373 -15.98 -1.28 26.12
CA PHE B 373 -16.34 -2.67 25.95
C PHE B 373 -17.81 -2.86 26.27
N GLY B 374 -18.44 -3.79 25.59
CA GLY B 374 -19.78 -4.21 25.94
C GLY B 374 -20.07 -5.57 25.32
N VAL B 375 -21.15 -6.20 25.76
CA VAL B 375 -21.43 -7.56 25.32
C VAL B 375 -22.44 -7.55 24.17
N ASN B 376 -22.07 -8.21 23.08
CA ASN B 376 -22.95 -8.26 21.94
C ASN B 376 -23.92 -9.41 22.15
N ILE B 377 -24.98 -9.15 22.89
CA ILE B 377 -25.94 -10.20 23.22
C ILE B 377 -26.81 -10.65 22.03
N GLU B 378 -27.03 -9.76 21.07
CA GLU B 378 -27.77 -10.13 19.88
C GLU B 378 -27.00 -11.10 18.95
N HIS B 379 -25.67 -11.02 18.93
CA HIS B 379 -24.84 -11.77 17.98
C HIS B 379 -23.52 -12.07 18.65
N ARG B 380 -23.54 -13.06 19.54
CA ARG B 380 -22.38 -13.35 20.35
C ARG B 380 -21.12 -13.67 19.54
N ASP B 381 -21.28 -14.24 18.35
CA ASP B 381 -20.14 -14.62 17.49
C ASP B 381 -19.49 -13.43 16.71
N LEU B 382 -20.14 -12.27 16.70
CA LEU B 382 -19.60 -11.03 16.10
C LEU B 382 -18.96 -10.17 17.21
N ASP B 383 -17.77 -10.58 17.61
CA ASP B 383 -17.07 -10.02 18.75
C ASP B 383 -15.64 -9.67 18.38
N GLY B 384 -14.95 -9.07 19.32
CA GLY B 384 -13.60 -8.57 19.09
C GLY B 384 -13.56 -7.05 19.01
N MET B 385 -12.37 -6.52 18.74
CA MET B 385 -12.13 -5.09 18.82
C MET B 385 -12.29 -4.40 17.48
N PHE B 386 -12.81 -3.18 17.54
CA PHE B 386 -12.98 -2.30 16.39
C PHE B 386 -12.12 -1.09 16.67
N ILE B 387 -11.16 -0.84 15.79
CA ILE B 387 -10.14 0.19 16.04
C ILE B 387 -10.30 1.28 15.01
N TYR B 388 -10.64 2.46 15.49
CA TYR B 388 -10.90 3.63 14.68
C TYR B 388 -9.68 4.53 14.76
N ASN B 389 -9.47 5.35 13.73
CA ASN B 389 -8.33 6.28 13.64
C ASN B 389 -8.91 7.60 13.21
N CYS B 390 -8.91 8.57 14.13
CA CYS B 390 -9.59 9.86 13.94
C CYS B 390 -11.03 9.67 13.38
N SER B 391 -11.74 8.78 14.04
CA SER B 391 -13.14 8.44 13.79
C SER B 391 -13.38 7.42 12.71
N ARG B 392 -12.35 7.05 11.92
CA ARG B 392 -12.52 6.20 10.75
C ARG B 392 -12.12 4.77 11.08
N LEU B 393 -12.97 3.82 10.70
CA LEU B 393 -12.71 2.42 11.01
C LEU B 393 -11.53 1.88 10.20
N ILE B 394 -10.54 1.31 10.88
CA ILE B 394 -9.37 0.76 10.26
C ILE B 394 -9.33 -0.77 10.38
N LYS B 395 -9.52 -1.31 11.59
CA LYS B 395 -9.56 -2.77 11.84
C LYS B 395 -10.85 -3.16 12.56
N MET B 396 -11.40 -4.31 12.17
CA MET B 396 -12.60 -4.83 12.78
C MET B 396 -12.46 -6.30 13.21
N TYR B 397 -13.19 -6.67 14.26
CA TYR B 397 -13.25 -8.05 14.74
C TYR B 397 -11.89 -8.59 15.13
N GLU B 398 -11.07 -7.74 15.73
CA GLU B 398 -9.71 -8.11 16.11
C GLU B 398 -9.80 -8.79 17.51
N LYS B 399 -9.41 -10.05 17.62
CA LYS B 399 -9.47 -10.71 18.94
C LYS B 399 -8.26 -10.35 19.78
N VAL B 400 -8.49 -10.13 21.07
CA VAL B 400 -7.47 -9.67 22.02
C VAL B 400 -7.67 -10.37 23.39
N GLY B 401 -6.60 -10.38 24.18
CA GLY B 401 -6.65 -10.86 25.57
C GLY B 401 -7.19 -12.26 25.68
N PRO B 402 -8.11 -12.52 26.61
CA PRO B 402 -8.67 -13.85 26.77
C PRO B 402 -9.39 -14.43 25.56
N GLN B 403 -9.88 -13.58 24.65
CA GLN B 403 -10.48 -14.07 23.39
C GLN B 403 -9.51 -14.86 22.51
N LEU B 404 -8.21 -14.67 22.69
CA LEU B 404 -7.22 -15.45 21.94
C LEU B 404 -7.05 -16.87 22.48
N GLU B 405 -7.79 -17.25 23.51
CA GLU B 405 -7.83 -18.62 23.97
C GLU B 405 -9.08 -19.33 23.41
N GLY B 406 -9.05 -20.66 23.35
CA GLY B 406 -10.24 -21.45 23.05
C GLY B 406 -11.11 -21.60 24.29
N GLY B 407 -11.68 -20.50 24.76
CA GLY B 407 -12.56 -20.50 25.92
C GLY B 407 -13.80 -19.66 25.65
N MET B 408 -14.73 -19.69 26.61
CA MET B 408 -15.89 -18.79 26.62
C MET B 408 -15.60 -17.44 27.29
N ALA B 409 -14.43 -17.28 27.90
CA ALA B 409 -14.09 -16.04 28.58
C ALA B 409 -13.93 -14.92 27.56
N CYS B 410 -14.63 -13.84 27.83
CA CYS B 410 -14.69 -12.68 26.94
C CYS B 410 -15.32 -12.97 25.59
N GLY B 411 -15.92 -14.13 25.40
CA GLY B 411 -16.65 -14.40 24.20
C GLY B 411 -17.87 -13.48 24.16
N GLY B 412 -18.08 -12.85 23.02
CA GLY B 412 -19.21 -11.95 22.86
C GLY B 412 -18.90 -10.51 23.14
N VAL B 413 -17.70 -10.22 23.63
CA VAL B 413 -17.40 -8.85 23.99
C VAL B 413 -16.88 -8.11 22.75
N VAL B 414 -17.50 -6.96 22.47
CA VAL B 414 -17.00 -6.04 21.48
C VAL B 414 -16.27 -4.92 22.19
N GLY B 415 -15.14 -4.51 21.62
CA GLY B 415 -14.36 -3.39 22.14
C GLY B 415 -14.24 -2.33 21.06
N VAL B 416 -14.17 -1.07 21.49
CA VAL B 416 -14.07 0.04 20.57
C VAL B 416 -13.06 1.04 21.09
N VAL B 417 -12.16 1.50 20.23
CA VAL B 417 -11.26 2.59 20.59
C VAL B 417 -11.01 3.51 19.38
N ASP B 418 -10.96 4.81 19.65
CA ASP B 418 -10.63 5.82 18.70
C ASP B 418 -9.18 6.29 18.95
N VAL B 419 -8.31 6.12 17.97
CA VAL B 419 -6.88 6.39 18.13
C VAL B 419 -6.53 7.61 17.32
N PRO B 420 -5.94 8.63 17.95
CA PRO B 420 -5.62 9.85 17.22
C PRO B 420 -4.36 9.65 16.35
N TYR B 421 -4.23 10.53 15.36
CA TYR B 421 -3.09 10.49 14.48
C TYR B 421 -1.75 10.59 15.19
N LEU B 422 -1.68 11.35 16.27
CA LEU B 422 -0.43 11.43 17.01
C LEU B 422 0.08 10.07 17.49
N VAL B 423 -0.84 9.15 17.80
CA VAL B 423 -0.47 7.82 18.31
C VAL B 423 -0.26 6.81 17.16
N LEU B 424 -1.21 6.72 16.22
CA LEU B 424 -1.05 5.87 15.02
C LEU B 424 -1.54 6.60 13.76
N GLU B 425 -0.82 6.44 12.65
CA GLU B 425 -1.26 6.84 11.34
C GLU B 425 -1.57 5.61 10.48
N PRO B 426 -2.43 5.76 9.48
CA PRO B 426 -2.83 4.58 8.73
C PRO B 426 -1.86 4.25 7.63
N ARG B 427 -1.86 2.99 7.18
CA ARG B 427 -1.19 2.64 5.95
C ARG B 427 -1.88 3.32 4.76
N HIS B 428 -1.23 3.22 3.61
CA HIS B 428 -1.64 3.76 2.34
C HIS B 428 -3.08 3.47 1.99
N ASN B 429 -3.58 2.29 2.35
CA ASN B 429 -4.96 1.92 1.94
C ASN B 429 -6.03 2.17 3.01
N LYS B 430 -5.63 2.75 4.16
CA LYS B 430 -6.46 2.95 5.37
C LYS B 430 -7.21 1.72 5.82
N GLN B 431 -6.53 0.59 5.76
CA GLN B 431 -7.05 -0.70 6.26
C GLN B 431 -6.08 -1.35 7.21
N ASP B 432 -5.07 -0.59 7.65
CA ASP B 432 -4.08 -1.08 8.56
C ASP B 432 -3.34 0.11 9.13
N PHE B 433 -2.47 -0.14 10.10
CA PHE B 433 -1.68 0.90 10.73
C PHE B 433 -0.22 0.82 10.27
N ALA B 434 0.31 2.00 9.99
CA ALA B 434 1.70 2.19 9.59
C ALA B 434 2.77 1.71 10.58
N ASP B 435 2.52 1.69 11.89
CA ASP B 435 3.54 1.31 12.89
C ASP B 435 3.07 0.05 13.60
N ALA B 436 3.46 -1.09 13.09
CA ALA B 436 2.96 -2.37 13.65
C ALA B 436 3.36 -2.63 15.09
N LYS B 437 4.57 -2.21 15.48
CA LYS B 437 5.00 -2.39 16.87
C LYS B 437 4.07 -1.67 17.86
N GLU B 438 3.76 -0.42 17.55
CA GLU B 438 2.85 0.35 18.39
C GLU B 438 1.43 -0.19 18.34
N TYR B 439 0.99 -0.66 17.17
CA TYR B 439 -0.31 -1.26 17.08
C TYR B 439 -0.40 -2.51 17.93
N ARG B 440 0.60 -3.36 17.88
CA ARG B 440 0.58 -4.58 18.71
C ARG B 440 0.54 -4.27 20.20
N HIS B 441 1.27 -3.24 20.61
CA HIS B 441 1.23 -2.79 21.98
C HIS B 441 -0.17 -2.36 22.40
N LEU B 442 -0.83 -1.61 21.54
CA LEU B 442 -2.19 -1.19 21.79
C LEU B 442 -3.14 -2.40 21.98
N LEU B 443 -3.03 -3.40 21.11
CA LEU B 443 -3.85 -4.60 21.23
C LEU B 443 -3.62 -5.35 22.58
N ARG B 444 -2.38 -5.40 23.03
CA ARG B 444 -2.13 -6.01 24.33
C ARG B 444 -2.80 -5.20 25.45
N ALA B 445 -2.65 -3.88 25.39
CA ALA B 445 -3.22 -3.05 26.43
C ALA B 445 -4.75 -3.25 26.42
N MET B 446 -5.35 -3.30 25.23
CA MET B 446 -6.79 -3.52 25.12
C MET B 446 -7.17 -4.86 25.70
N GLY B 447 -6.35 -5.88 25.48
CA GLY B 447 -6.61 -7.19 26.09
C GLY B 447 -6.61 -7.25 27.61
N GLU B 448 -5.69 -6.52 28.21
CA GLU B 448 -5.63 -6.48 29.65
C GLU B 448 -6.86 -5.80 30.23
N HIS B 449 -7.31 -4.73 29.56
CA HIS B 449 -8.50 -4.01 30.00
C HIS B 449 -9.78 -4.82 29.76
N LEU B 450 -9.79 -5.57 28.67
CA LEU B 450 -10.89 -6.49 28.40
C LEU B 450 -11.06 -7.50 29.55
N ALA B 451 -9.97 -8.06 30.02
CA ALA B 451 -10.07 -9.00 31.17
C ALA B 451 -10.73 -8.34 32.37
N GLN B 452 -10.33 -7.09 32.61
CA GLN B 452 -10.87 -6.33 33.73
C GLN B 452 -12.36 -6.05 33.57
N TYR B 453 -12.76 -5.66 32.36
CA TYR B 453 -14.17 -5.48 32.04
C TYR B 453 -14.97 -6.74 32.35
N TRP B 454 -14.47 -7.89 31.95
CA TRP B 454 -15.13 -9.16 32.19
C TRP B 454 -15.31 -9.45 33.73
N LYS B 455 -14.26 -9.21 34.50
CA LYS B 455 -14.38 -9.28 35.94
C LYS B 455 -15.43 -8.30 36.45
N ASP B 456 -15.41 -7.09 35.91
CA ASP B 456 -16.24 -6.00 36.44
C ASP B 456 -17.74 -6.23 36.29
N ILE B 457 -18.18 -6.72 35.15
CA ILE B 457 -19.60 -7.05 34.96
C ILE B 457 -20.03 -8.38 35.60
N ALA B 458 -19.06 -9.17 36.10
CA ALA B 458 -19.37 -10.28 37.05
C ALA B 458 -20.41 -11.27 36.48
N ILE B 459 -20.24 -11.56 35.22
CA ILE B 459 -20.97 -12.61 34.56
C ILE B 459 -20.91 -13.94 35.29
N ALA B 460 -19.82 -14.19 36.05
CA ALA B 460 -19.64 -15.40 36.91
C ALA B 460 -20.47 -15.40 38.18
N GLN B 461 -20.84 -14.23 38.72
CA GLN B 461 -21.77 -14.15 39.85
C GLN B 461 -23.07 -14.79 39.49
N ARG B 462 -23.55 -14.57 38.29
CA ARG B 462 -24.82 -15.23 37.87
C ARG B 462 -24.68 -16.67 37.28
N GLY B 463 -23.51 -16.95 36.68
CA GLY B 463 -23.15 -18.23 35.98
C GLY B 463 -23.00 -17.95 34.46
N ILE B 464 -21.86 -18.16 33.79
CA ILE B 464 -21.77 -17.74 32.34
C ILE B 464 -22.74 -18.48 31.39
N ILE B 465 -22.92 -19.77 31.59
CA ILE B 465 -23.87 -20.58 30.83
C ILE B 465 -25.29 -20.01 30.98
N LYS B 466 -25.70 -19.76 32.23
CA LYS B 466 -27.05 -19.26 32.50
C LYS B 466 -27.24 -17.87 31.97
N PHE B 467 -26.17 -17.07 31.90
CA PHE B 467 -26.22 -15.73 31.31
C PHE B 467 -26.66 -15.85 29.86
N TRP B 468 -25.97 -16.68 29.08
CA TRP B 468 -26.32 -16.86 27.68
C TRP B 468 -27.66 -17.55 27.48
N ASP B 469 -28.00 -18.51 28.34
CA ASP B 469 -29.34 -19.14 28.27
C ASP B 469 -30.47 -18.14 28.37
N GLU B 470 -30.31 -17.18 29.27
CA GLU B 470 -31.35 -16.21 29.55
C GLU B 470 -31.69 -15.38 28.31
N PHE B 471 -30.71 -15.13 27.44
CA PHE B 471 -30.92 -14.40 26.19
C PHE B 471 -31.28 -15.30 25.01
N GLY B 472 -31.42 -16.59 25.25
CA GLY B 472 -32.01 -17.51 24.28
C GLY B 472 -31.02 -18.21 23.37
N TYR B 473 -29.80 -18.41 23.84
CA TYR B 473 -28.83 -19.22 23.10
C TYR B 473 -29.02 -20.69 23.47
N LEU B 474 -30.00 -21.31 22.83
CA LEU B 474 -30.36 -22.70 23.14
C LEU B 474 -29.31 -23.68 22.58
N SER B 475 -28.80 -23.38 21.39
CA SER B 475 -27.89 -24.29 20.69
C SER B 475 -26.54 -24.43 21.39
N ALA B 476 -25.92 -25.60 21.24
CA ALA B 476 -24.64 -25.89 21.86
C ALA B 476 -23.46 -25.24 21.11
N ASN B 477 -23.61 -25.05 19.79
CA ASN B 477 -22.53 -24.48 18.96
C ASN B 477 -22.51 -22.97 19.04
N TRP B 478 -21.32 -22.44 19.30
CA TRP B 478 -21.13 -21.02 19.48
C TRP B 478 -21.66 -20.12 18.31
N ASN B 479 -21.67 -20.68 17.10
CA ASN B 479 -21.94 -19.93 15.88
C ASN B 479 -23.40 -19.60 15.62
N GLN B 480 -24.32 -20.41 16.14
CA GLN B 480 -25.73 -20.22 15.78
C GLN B 480 -26.36 -19.03 16.54
N PRO B 481 -27.29 -18.32 15.89
CA PRO B 481 -27.91 -17.15 16.53
C PRO B 481 -28.84 -17.54 17.69
N PRO B 482 -29.17 -16.56 18.56
CA PRO B 482 -30.07 -16.88 19.64
C PRO B 482 -31.48 -17.04 19.12
N SER B 483 -32.32 -17.63 19.96
CA SER B 483 -33.70 -17.92 19.58
C SER B 483 -34.49 -16.66 19.24
N SER B 484 -35.39 -16.83 18.28
CA SER B 484 -36.27 -15.76 17.81
C SER B 484 -37.66 -15.73 18.47
N GLU B 485 -37.96 -16.67 19.38
CA GLU B 485 -39.18 -16.58 20.17
C GLU B 485 -39.32 -15.22 20.79
N LEU B 486 -40.56 -14.85 21.08
CA LEU B 486 -40.86 -13.49 21.51
C LEU B 486 -40.26 -13.13 22.88
N ARG B 487 -40.34 -14.05 23.84
CA ARG B 487 -39.79 -13.80 25.16
C ARG B 487 -38.30 -13.56 25.16
N TYR B 488 -37.54 -14.25 24.32
CA TYR B 488 -36.10 -14.01 24.24
C TYR B 488 -35.79 -12.71 23.49
N LYS B 489 -36.57 -12.39 22.46
CA LYS B 489 -36.41 -11.11 21.76
C LYS B 489 -36.52 -9.91 22.72
N ARG B 490 -37.57 -9.89 23.50
CA ARG B 490 -37.83 -8.79 24.45
C ARG B 490 -36.80 -8.79 25.58
N ARG B 491 -36.36 -9.98 26.03
CA ARG B 491 -35.31 -10.07 27.03
C ARG B 491 -34.05 -9.41 26.54
N ARG B 492 -33.68 -9.67 25.29
CA ARG B 492 -32.49 -9.05 24.72
C ARG B 492 -32.68 -7.53 24.55
N ALA B 493 -33.81 -7.13 23.98
CA ALA B 493 -34.04 -5.73 23.63
C ALA B 493 -34.05 -4.80 24.84
N MET B 494 -34.60 -5.30 25.94
CA MET B 494 -34.68 -4.55 27.19
C MET B 494 -33.33 -4.10 27.74
N GLU B 495 -32.25 -4.76 27.31
CA GLU B 495 -30.91 -4.43 27.81
C GLU B 495 -30.19 -3.39 27.01
N ILE B 496 -30.71 -3.06 25.83
CA ILE B 496 -29.99 -2.22 24.90
C ILE B 496 -30.86 -1.02 24.65
N PRO B 497 -30.42 0.19 25.05
CA PRO B 497 -31.37 1.29 24.83
C PRO B 497 -31.50 1.52 23.34
N THR B 498 -32.59 2.09 22.92
CA THR B 498 -32.79 2.34 21.52
C THR B 498 -32.25 3.75 21.33
N THR B 499 -31.30 3.87 20.43
CA THR B 499 -30.84 5.16 19.97
C THR B 499 -31.19 5.28 18.51
N ILE B 500 -31.44 6.51 18.09
CA ILE B 500 -31.98 6.70 16.77
C ILE B 500 -31.63 8.11 16.34
N GLN B 501 -31.39 8.27 15.03
CA GLN B 501 -31.00 9.56 14.48
C GLN B 501 -32.20 10.21 13.80
N CYS B 502 -32.37 11.51 14.06
CA CYS B 502 -33.42 12.26 13.40
C CYS B 502 -33.03 12.51 11.95
N ASP B 503 -33.96 12.17 11.03
CA ASP B 503 -33.77 12.37 9.59
C ASP B 503 -33.66 13.84 9.19
N LEU B 504 -34.21 14.73 9.99
CA LEU B 504 -34.26 16.16 9.67
C LEU B 504 -33.06 16.94 10.20
N CYS B 505 -32.80 16.84 11.50
CA CYS B 505 -31.78 17.68 12.16
C CYS B 505 -30.50 16.93 12.47
N LEU B 506 -30.50 15.61 12.27
CA LEU B 506 -29.29 14.79 12.38
C LEU B 506 -28.87 14.49 13.80
N LYS B 507 -29.62 14.93 14.80
CA LYS B 507 -29.24 14.64 16.17
C LYS B 507 -29.56 13.20 16.53
N TRP B 508 -28.78 12.67 17.47
CA TRP B 508 -28.98 11.32 17.98
C TRP B 508 -29.82 11.42 19.26
N ARG B 509 -30.84 10.57 19.35
CA ARG B 509 -31.77 10.55 20.45
C ARG B 509 -31.84 9.17 21.04
N THR B 510 -32.29 9.10 22.30
CA THR B 510 -32.66 7.80 22.91
C THR B 510 -34.18 7.70 23.03
N LEU B 511 -34.70 6.51 22.77
CA LEU B 511 -36.10 6.22 23.03
C LEU B 511 -36.21 5.36 24.30
N PRO B 512 -37.29 5.53 25.08
CA PRO B 512 -37.46 4.69 26.29
C PRO B 512 -37.73 3.16 26.02
N ASP B 524 -36.68 2.74 9.70
CA ASP B 524 -37.66 3.52 8.96
C ASP B 524 -37.28 5.02 9.04
N THR B 525 -38.15 5.88 8.53
CA THR B 525 -38.03 7.31 8.80
C THR B 525 -38.34 7.63 10.25
N TRP B 526 -37.50 8.44 10.89
CA TRP B 526 -37.80 8.87 12.23
C TRP B 526 -37.34 10.30 12.38
N VAL B 527 -38.09 11.04 13.18
CA VAL B 527 -37.81 12.44 13.47
C VAL B 527 -38.03 12.71 14.98
N CYS B 528 -37.36 13.75 15.50
CA CYS B 528 -37.39 14.09 16.92
C CYS B 528 -38.81 14.14 17.52
N SER B 529 -39.78 14.66 16.78
CA SER B 529 -41.12 14.85 17.32
C SER B 529 -41.87 13.53 17.60
N MET B 530 -41.39 12.42 17.08
CA MET B 530 -41.93 11.09 17.39
C MET B 530 -41.49 10.55 18.75
N ASN B 531 -40.48 11.17 19.36
CA ASN B 531 -39.98 10.75 20.68
C ASN B 531 -40.99 11.08 21.79
N PRO B 532 -41.37 10.07 22.62
CA PRO B 532 -42.22 10.35 23.78
C PRO B 532 -41.52 11.05 24.94
N ASP B 533 -40.20 11.15 24.94
CA ASP B 533 -39.48 11.92 25.95
C ASP B 533 -39.71 13.43 25.75
N PRO B 534 -40.41 14.11 26.68
CA PRO B 534 -40.74 15.53 26.45
C PRO B 534 -39.52 16.48 26.35
N GLU B 535 -38.35 16.01 26.78
CA GLU B 535 -37.14 16.82 26.77
C GLU B 535 -36.35 16.71 25.48
N GLN B 536 -36.69 15.75 24.62
CA GLN B 536 -35.99 15.51 23.34
C GLN B 536 -36.96 15.51 22.20
N ASP B 537 -38.14 16.13 22.43
CA ASP B 537 -39.24 15.90 21.51
C ASP B 537 -39.42 16.92 20.40
N ARG B 538 -38.35 17.68 20.16
CA ARG B 538 -38.31 18.73 19.16
C ARG B 538 -36.88 18.75 18.64
N CYS B 539 -36.73 19.00 17.35
CA CYS B 539 -35.41 19.08 16.77
C CYS B 539 -34.53 20.13 17.44
N GLU B 540 -35.09 21.18 18.02
CA GLU B 540 -34.20 22.14 18.64
C GLU B 540 -33.79 21.85 20.08
N ALA B 541 -34.35 20.80 20.68
CA ALA B 541 -33.81 20.32 21.93
C ALA B 541 -32.34 19.84 21.78
N SER B 542 -31.55 20.16 22.80
CA SER B 542 -30.13 19.88 22.83
C SER B 542 -29.84 18.38 22.84
N GLU B 543 -28.75 17.99 22.17
CA GLU B 543 -28.36 16.59 22.10
C GLU B 543 -27.72 16.09 23.39
N GLN B 544 -28.25 14.96 23.87
CA GLN B 544 -27.73 14.30 25.05
C GLN B 544 -26.60 13.40 24.65
N LYS B 545 -25.61 13.35 25.53
CA LYS B 545 -24.38 12.59 25.33
C LYS B 545 -24.54 11.21 25.94
N GLN B 546 -23.95 10.22 25.27
CA GLN B 546 -23.79 8.88 25.83
C GLN B 546 -23.13 8.98 27.20
N LYS B 547 -23.78 8.43 28.23
CA LYS B 547 -23.16 8.34 29.56
C LYS B 547 -22.67 6.92 29.79
N VAL B 548 -21.51 6.63 29.23
CA VAL B 548 -20.90 5.33 29.40
C VAL B 548 -20.20 5.33 30.75
N PRO B 549 -20.57 4.41 31.64
CA PRO B 549 -19.91 4.41 32.94
C PRO B 549 -18.44 4.06 32.86
N LEU B 550 -17.69 4.52 33.85
CA LEU B 550 -16.25 4.45 33.87
C LEU B 550 -15.80 3.31 34.74
N GLY B 551 -14.94 2.46 34.21
CA GLY B 551 -14.28 1.43 35.01
C GLY B 551 -12.81 1.78 35.24
N THR B 552 -12.15 1.01 36.09
CA THR B 552 -10.74 1.28 36.43
C THR B 552 -9.95 -0.01 36.34
N PHE B 553 -8.74 0.13 35.84
CA PHE B 553 -7.87 -0.99 35.62
C PHE B 553 -7.10 -1.33 36.90
ZN ZN C . 32.06 -23.49 -9.23
PG ANP D . 8.36 -2.33 -9.20
O1G ANP D . 9.75 -2.24 -8.56
O2G ANP D . 7.51 -1.12 -8.91
O3G ANP D . 7.50 -3.60 -9.25
PB ANP D . 10.24 -1.38 -11.28
O1B ANP D . 10.21 -1.10 -12.78
O2B ANP D . 11.56 -1.94 -10.78
N3B ANP D . 8.86 -2.29 -10.90
PA ANP D . 11.35 0.60 -9.67
O1A ANP D . 10.96 1.96 -9.16
O2A ANP D . 11.72 -0.60 -8.71
O3A ANP D . 10.08 0.04 -10.48
O5' ANP D . 12.50 0.92 -10.70
C5' ANP D . 12.17 1.57 -11.92
C4' ANP D . 13.29 1.32 -12.92
O4' ANP D . 14.57 1.76 -12.46
C3' ANP D . 13.47 -0.16 -13.12
O3' ANP D . 12.45 -0.63 -14.00
C2' ANP D . 14.87 -0.24 -13.64
O2' ANP D . 14.81 0.08 -15.04
C1' ANP D . 15.59 0.86 -12.93
N9 ANP D . 16.43 0.35 -11.83
C8 ANP D . 16.22 0.51 -10.51
N7 ANP D . 17.24 -0.05 -9.78
C5 ANP D . 18.12 -0.59 -10.64
C6 ANP D . 19.39 -1.35 -10.56
N6 ANP D . 19.99 -1.68 -9.41
N1 ANP D . 19.97 -1.72 -11.71
C2 ANP D . 19.40 -1.41 -12.89
N3 ANP D . 18.25 -0.73 -13.06
C4 ANP D . 17.58 -0.30 -11.99
MG MG E . 11.56 -2.91 -8.71
ZN ZN F . -34.93 16.50 15.04
PG ANP G . -6.52 10.98 1.34
O1G ANP G . -5.49 10.64 0.28
O2G ANP G . -7.94 10.59 0.96
O3G ANP G . -6.11 10.58 2.74
PB ANP G . -7.51 13.53 0.31
O1B ANP G . -6.97 14.97 0.47
O2B ANP G . -8.90 13.18 0.62
N3B ANP G . -6.51 12.69 1.44
PA ANP G . -8.31 12.47 -2.20
O1A ANP G . -7.67 11.99 -3.50
O2A ANP G . -9.34 11.54 -1.57
O3A ANP G . -7.16 12.93 -1.18
O5' ANP G . -9.00 13.91 -2.47
C5' ANP G . -8.18 14.97 -2.95
C4' ANP G . -8.90 16.29 -2.73
O4' ANP G . -10.04 16.39 -3.61
C3' ANP G . -9.42 16.50 -1.29
O3' ANP G . -8.43 17.07 -0.41
C2' ANP G . -10.55 17.47 -1.54
O2' ANP G . -9.91 18.77 -1.62
C1' ANP G . -11.09 17.08 -2.90
N9 ANP G . -12.27 16.21 -2.88
C8 ANP G . -12.39 14.90 -3.22
N7 ANP G . -13.68 14.43 -3.14
C5 ANP G . -14.40 15.50 -2.76
C6 ANP G . -15.82 15.74 -2.47
N6 ANP G . -16.75 14.75 -2.56
N1 ANP G . -16.15 16.98 -2.08
C2 ANP G . -15.25 17.99 -1.96
N3 ANP G . -13.93 17.87 -2.20
C4 ANP G . -13.48 16.66 -2.60
MG MG H . -9.65 11.51 0.42
#